data_6CGD
#
_entry.id   6CGD
#
_cell.length_a   90.080
_cell.length_b   100.220
_cell.length_c   93.990
_cell.angle_alpha   90.00
_cell.angle_beta   105.12
_cell.angle_gamma   90.00
#
_symmetry.space_group_name_H-M   'P 1 21 1'
#
loop_
_entity.id
_entity.type
_entity.pdbx_description
1 polymer 'Bifunctional AAC/APH'
2 non-polymer 'PHOSPHOAMINOPHOSPHONIC ACID-GUANYLATE ESTER'
3 non-polymer '(2S)-N-[(1R,2S,3S,4R,5S)-4-[(2R,3R,4S,5S,6R)-6-(aminomethyl)-3,4,5-tris(oxidanyl)oxan-2-yl]oxy-5-azanyl-2-[(2S,3R,4S,5S ,6R)-4-azanyl-6-(hydroxymethyl)-3,5-bis(oxidanyl)oxan-2-yl]oxy-3-oxidanyl-cyclohexyl]-4-azanyl-2-oxidanyl-butanamide'
4 non-polymer 'MAGNESIUM ION'
5 non-polymer 'CHLORIDE ION'
6 water water
#
_entity_poly.entity_id   1
_entity_poly.type   'polypeptide(L)'
_entity_poly.pdbx_seq_one_letter_code
;MEYRYDDNATNVKAMKYLIEHYFDNFKVDSIEIIGSGYDSVAYLVNNEYIFKTKFSTNKKKGYAKEKAIYNFLNTNLETN
VKIPNIEYSYISDELSILGYKEIKGTFLTPEIYSTMSEEEQNLLKRDIASFLRQMHGLDYTDISECTIDNKQNVLEEYIL
LRETIYNDLTDIEKDYIESFMERLNATTVFEGKKCLCHNDFSCNHLLLDGNNRLTGIIDFGDSGIIDEYCDFIYLLEDSE
EEIGTNFGEDILRMYGNIDIEKAKEYQDIVEEYYPIETIVYGIKNIKQEFIENGRKEIYKRTYKD
;
_entity_poly.pdbx_strand_id   A,B,C,D
#
loop_
_chem_comp.id
_chem_comp.type
_chem_comp.name
_chem_comp.formula
AKN non-polymer '(2S)-N-[(1R,2S,3S,4R,5S)-4-[(2R,3R,4S,5S,6R)-6-(aminomethyl)-3,4,5-tris(oxidanyl)oxan-2-yl]oxy-5-azanyl-2-[(2S,3R,4S,5S ,6R)-4-azanyl-6-(hydroxymethyl)-3,5-bis(oxidanyl)oxan-2-yl]oxy-3-oxidanyl-cyclohexyl]-4-azanyl-2-oxidanyl-butanamide' 'C22 H43 N5 O13'
CL non-polymer 'CHLORIDE ION' 'Cl -1'
GNP non-polymer 'PHOSPHOAMINOPHOSPHONIC ACID-GUANYLATE ESTER' 'C10 H17 N6 O13 P3'
MG non-polymer 'MAGNESIUM ION' 'Mg 2'
#
# COMPACT_ATOMS: atom_id res chain seq x y z
N ASN A 8 -20.39 -7.58 19.41
CA ASN A 8 -19.92 -6.22 18.97
C ASN A 8 -18.47 -5.89 19.37
N ALA A 9 -18.14 -6.23 20.62
CA ALA A 9 -16.79 -6.06 21.21
C ALA A 9 -15.64 -6.50 20.29
N THR A 10 -15.83 -7.59 19.55
CA THR A 10 -14.75 -8.20 18.77
C THR A 10 -14.29 -7.39 17.54
N ASN A 11 -15.24 -6.78 16.84
CA ASN A 11 -14.94 -5.95 15.64
C ASN A 11 -14.08 -4.79 15.95
N VAL A 12 -14.51 -4.12 17.01
CA VAL A 12 -13.84 -3.02 17.55
C VAL A 12 -12.40 -3.36 17.97
N LYS A 13 -12.18 -4.51 18.60
CA LYS A 13 -10.81 -4.89 19.04
C LYS A 13 -9.90 -5.11 17.86
N ALA A 14 -10.43 -5.79 16.88
CA ALA A 14 -9.66 -6.06 15.67
C ALA A 14 -9.27 -4.77 14.98
N MET A 15 -10.18 -3.81 14.90
CA MET A 15 -9.92 -2.59 14.14
C MET A 15 -9.04 -1.67 14.94
N LYS A 16 -9.21 -1.71 16.25
CA LYS A 16 -8.27 -1.00 17.13
C LYS A 16 -6.85 -1.50 16.92
N TYR A 17 -6.69 -2.81 16.85
CA TYR A 17 -5.38 -3.36 16.62
C TYR A 17 -4.81 -2.89 15.25
N LEU A 18 -5.62 -2.95 14.21
CA LEU A 18 -5.14 -2.63 12.84
C LEU A 18 -4.77 -1.15 12.71
N ILE A 19 -5.59 -0.28 13.28
CA ILE A 19 -5.28 1.14 13.32
C ILE A 19 -3.94 1.41 14.00
N GLU A 20 -3.77 0.87 15.19
CA GLU A 20 -2.51 1.07 15.94
C GLU A 20 -1.34 0.45 15.23
N HIS A 21 -1.58 -0.63 14.50
CA HIS A 21 -0.50 -1.32 13.84
C HIS A 21 -0.04 -0.53 12.61
N TYR A 22 -0.98 -0.01 11.82
CA TYR A 22 -0.63 0.66 10.54
C TYR A 22 -0.29 2.14 10.68
N PHE A 23 -0.77 2.75 11.76
CA PHE A 23 -0.51 4.17 12.04
C PHE A 23 0.29 4.20 13.35
N ASP A 24 1.62 4.11 13.21
CA ASP A 24 2.61 3.93 14.30
C ASP A 24 2.35 4.65 15.59
N ASN A 25 2.08 5.94 15.54
CA ASN A 25 1.97 6.64 16.79
C ASN A 25 0.56 6.90 17.23
N PHE A 26 -0.41 6.28 16.57
CA PHE A 26 -1.79 6.55 16.88
C PHE A 26 -2.24 5.67 18.04
N LYS A 27 -2.81 6.27 19.08
CA LYS A 27 -3.29 5.54 20.25
C LYS A 27 -4.78 5.60 20.32
N VAL A 28 -5.42 4.44 20.37
CA VAL A 28 -6.89 4.37 20.42
C VAL A 28 -7.35 4.28 21.87
N ASP A 29 -7.93 5.36 22.39
CA ASP A 29 -8.47 5.38 23.77
C ASP A 29 -9.94 5.00 23.76
N SER A 30 -10.64 5.25 22.67
CA SER A 30 -11.99 4.72 22.54
C SER A 30 -12.29 4.50 21.06
N ILE A 31 -13.20 3.59 20.79
CA ILE A 31 -13.59 3.23 19.44
C ILE A 31 -14.97 2.62 19.44
N GLU A 32 -15.83 3.12 18.59
CA GLU A 32 -17.13 2.52 18.40
C GLU A 32 -17.57 2.55 16.95
N ILE A 33 -18.49 1.65 16.63
CA ILE A 33 -19.03 1.58 15.31
C ILE A 33 -20.02 2.72 15.14
N ILE A 34 -19.85 3.50 14.07
CA ILE A 34 -20.71 4.65 13.83
C ILE A 34 -21.54 4.46 12.55
N GLY A 35 -21.09 3.60 11.66
CA GLY A 35 -21.94 3.19 10.53
C GLY A 35 -21.38 2.01 9.77
N SER A 36 -22.17 1.52 8.85
CA SER A 36 -21.77 0.35 8.08
C SER A 36 -22.48 0.37 6.71
N GLY A 37 -21.83 -0.22 5.73
CA GLY A 37 -22.41 -0.46 4.41
C GLY A 37 -22.39 -1.96 4.18
N TYR A 38 -22.61 -2.39 2.92
CA TYR A 38 -22.69 -3.81 2.62
C TYR A 38 -21.31 -4.43 2.78
N ASP A 39 -20.28 -3.64 2.58
CA ASP A 39 -18.97 -4.17 2.63
C ASP A 39 -17.98 -3.22 3.29
N SER A 40 -18.45 -2.41 4.22
CA SER A 40 -17.56 -1.52 4.89
C SER A 40 -18.06 -1.24 6.29
N VAL A 41 -17.16 -0.76 7.15
CA VAL A 41 -17.54 -0.32 8.48
C VAL A 41 -16.80 0.93 8.83
N ALA A 42 -17.53 1.87 9.41
CA ALA A 42 -16.97 3.09 9.89
C ALA A 42 -17.02 3.16 11.42
N TYR A 43 -15.94 3.69 11.96
CA TYR A 43 -15.71 3.82 13.37
C TYR A 43 -15.42 5.26 13.81
N LEU A 44 -15.93 5.62 14.99
CA LEU A 44 -15.56 6.88 15.66
C LEU A 44 -14.54 6.59 16.74
N VAL A 45 -13.38 7.22 16.62
CA VAL A 45 -12.22 6.89 17.46
C VAL A 45 -11.82 8.12 18.24
N ASN A 46 -11.61 7.92 19.53
CA ASN A 46 -11.27 8.98 20.51
C ASN A 46 -12.23 10.14 20.51
N ASN A 47 -13.47 9.82 20.18
CA ASN A 47 -14.50 10.82 19.98
C ASN A 47 -14.13 11.99 19.09
N GLU A 48 -13.29 11.75 18.12
CA GLU A 48 -12.64 12.84 17.37
C GLU A 48 -12.36 12.46 15.88
N TYR A 49 -12.03 11.20 15.62
CA TYR A 49 -11.68 10.73 14.29
C TYR A 49 -12.70 9.75 13.75
N ILE A 50 -13.01 9.87 12.46
CA ILE A 50 -13.70 8.84 11.72
C ILE A 50 -12.66 7.99 11.02
N PHE A 51 -12.78 6.67 11.14
CA PHE A 51 -12.03 5.73 10.35
C PHE A 51 -12.99 4.87 9.53
N LYS A 52 -12.94 5.02 8.20
CA LYS A 52 -13.67 4.21 7.23
C LYS A 52 -12.80 3.03 6.84
N THR A 53 -13.36 1.82 6.86
CA THR A 53 -12.57 0.62 6.67
C THR A 53 -13.31 -0.39 5.82
N LYS A 54 -12.53 -1.18 5.11
CA LYS A 54 -13.05 -2.10 4.13
C LYS A 54 -12.06 -3.19 3.98
N PHE A 55 -12.52 -4.42 3.92
CA PHE A 55 -11.68 -5.54 3.47
C PHE A 55 -11.96 -5.90 2.03
N SER A 56 -10.97 -6.19 1.21
CA SER A 56 -11.18 -6.64 -0.21
C SER A 56 -12.58 -6.93 -0.69
N THR A 57 -12.98 -6.15 -1.66
CA THR A 57 -14.30 -6.24 -2.24
C THR A 57 -14.11 -6.22 -3.75
N ASN A 58 -14.93 -5.42 -4.45
CA ASN A 58 -14.71 -5.06 -5.85
C ASN A 58 -14.24 -3.60 -5.95
N LYS A 59 -13.46 -3.20 -4.95
CA LYS A 59 -12.82 -1.87 -4.86
C LYS A 59 -11.57 -1.94 -5.67
N LYS A 60 -10.76 -2.98 -5.33
CA LYS A 60 -9.32 -3.11 -5.64
C LYS A 60 -8.61 -1.75 -5.45
N LYS A 61 -9.21 -0.69 -6.04
CA LYS A 61 -8.87 0.76 -5.88
C LYS A 61 -10.03 1.62 -5.22
N GLY A 62 -10.80 1.01 -4.30
CA GLY A 62 -11.98 1.68 -3.68
C GLY A 62 -11.61 2.87 -2.84
N TYR A 63 -10.89 2.62 -1.71
CA TYR A 63 -10.54 3.77 -0.92
C TYR A 63 -9.44 4.62 -1.55
N ALA A 64 -8.71 4.11 -2.55
CA ALA A 64 -7.76 4.92 -3.27
C ALA A 64 -8.44 6.09 -3.99
N LYS A 65 -9.49 5.84 -4.76
CA LYS A 65 -10.17 6.92 -5.49
C LYS A 65 -10.77 7.91 -4.56
N GLU A 66 -11.36 7.42 -3.49
CA GLU A 66 -12.03 8.31 -2.56
C GLU A 66 -11.00 9.26 -1.96
N LYS A 67 -9.86 8.70 -1.57
CA LYS A 67 -8.79 9.55 -1.06
C LYS A 67 -8.30 10.57 -2.12
N ALA A 68 -8.13 10.16 -3.37
CA ALA A 68 -7.71 11.09 -4.40
C ALA A 68 -8.72 12.24 -4.55
N ILE A 69 -10.01 11.94 -4.41
CA ILE A 69 -11.03 12.95 -4.55
C ILE A 69 -11.03 13.95 -3.40
N TYR A 70 -10.83 13.49 -2.17
CA TYR A 70 -10.67 14.41 -1.03
C TYR A 70 -9.44 15.32 -1.21
N ASN A 71 -8.35 14.75 -1.66
CA ASN A 71 -7.16 15.51 -1.87
C ASN A 71 -7.39 16.55 -3.02
N PHE A 72 -8.06 16.18 -4.10
CA PHE A 72 -8.36 17.15 -5.11
C PHE A 72 -9.28 18.25 -4.56
N LEU A 73 -10.29 17.86 -3.81
CA LEU A 73 -11.30 18.85 -3.40
C LEU A 73 -10.73 19.79 -2.35
N ASN A 74 -9.88 19.27 -1.44
CA ASN A 74 -9.30 20.12 -0.37
C ASN A 74 -8.28 21.10 -0.93
N THR A 75 -7.62 20.73 -2.01
CA THR A 75 -6.82 21.67 -2.78
C THR A 75 -7.65 22.71 -3.55
N ASN A 76 -8.78 22.34 -4.14
CA ASN A 76 -9.41 23.20 -5.12
C ASN A 76 -10.75 23.87 -4.73
N LEU A 77 -11.49 23.36 -3.75
CA LEU A 77 -12.75 23.99 -3.39
C LEU A 77 -12.54 25.26 -2.62
N GLU A 78 -13.38 26.25 -2.87
CA GLU A 78 -13.45 27.46 -2.05
C GLU A 78 -14.85 27.49 -1.46
N THR A 79 -14.96 27.17 -0.18
CA THR A 79 -16.25 27.00 0.43
C THR A 79 -16.01 26.97 1.89
N ASN A 80 -17.01 27.34 2.67
CA ASN A 80 -16.92 27.21 4.12
C ASN A 80 -17.47 25.90 4.55
N VAL A 81 -18.12 25.18 3.63
CA VAL A 81 -18.67 23.85 3.97
C VAL A 81 -17.52 22.89 4.16
N LYS A 82 -17.52 22.16 5.27
CA LYS A 82 -16.41 21.21 5.54
C LYS A 82 -16.62 19.87 4.87
N ILE A 83 -15.50 19.25 4.46
CA ILE A 83 -15.52 17.89 3.96
C ILE A 83 -14.36 17.09 4.60
N PRO A 84 -14.38 15.76 4.49
CA PRO A 84 -13.26 15.02 5.06
C PRO A 84 -11.91 15.50 4.56
N ASN A 85 -10.98 15.54 5.47
CA ASN A 85 -9.59 15.81 5.14
C ASN A 85 -8.72 14.66 5.69
N ILE A 86 -8.21 13.85 4.78
CA ILE A 86 -7.59 12.59 5.16
C ILE A 86 -6.21 12.78 5.86
N GLU A 87 -6.09 12.38 7.11
CA GLU A 87 -4.82 12.42 7.79
C GLU A 87 -4.17 11.05 7.83
N TYR A 88 -4.95 9.99 7.79
CA TYR A 88 -4.40 8.64 7.84
C TYR A 88 -4.95 7.80 6.69
N SER A 89 -4.08 7.11 5.96
CA SER A 89 -4.58 6.20 5.02
C SER A 89 -3.67 4.99 4.94
N TYR A 90 -4.29 3.82 4.79
CA TYR A 90 -3.60 2.55 4.43
C TYR A 90 -4.43 1.88 3.35
N ILE A 91 -3.81 1.64 2.20
CA ILE A 91 -4.48 1.12 1.04
C ILE A 91 -3.69 -0.07 0.53
N SER A 92 -4.31 -1.25 0.57
CA SER A 92 -3.75 -2.49 0.05
C SER A 92 -4.88 -3.20 -0.68
N ASP A 93 -4.54 -4.25 -1.39
CA ASP A 93 -5.56 -5.05 -2.04
C ASP A 93 -6.62 -5.59 -1.08
N GLU A 94 -6.19 -6.01 0.12
CA GLU A 94 -7.05 -6.74 1.04
C GLU A 94 -7.65 -5.85 2.11
N LEU A 95 -7.21 -4.59 2.21
CA LEU A 95 -7.61 -3.78 3.33
C LEU A 95 -7.38 -2.34 3.00
N SER A 96 -8.39 -1.52 3.25
CA SER A 96 -8.27 -0.07 3.13
C SER A 96 -8.84 0.61 4.34
N ILE A 97 -8.11 1.61 4.80
CA ILE A 97 -8.53 2.40 5.92
C ILE A 97 -8.27 3.88 5.59
N LEU A 98 -9.28 4.75 5.84
CA LEU A 98 -9.14 6.20 5.71
C LEU A 98 -9.53 6.77 7.04
N GLY A 99 -8.68 7.63 7.59
CA GLY A 99 -9.03 8.37 8.78
C GLY A 99 -8.99 9.89 8.64
N TYR A 100 -9.93 10.56 9.28
CA TYR A 100 -10.01 12.02 9.22
C TYR A 100 -10.76 12.52 10.43
N LYS A 101 -10.61 13.81 10.73
CA LYS A 101 -11.32 14.39 11.86
C LYS A 101 -12.80 14.46 11.55
N GLU A 102 -13.58 14.01 12.51
CA GLU A 102 -15.02 13.98 12.40
C GLU A 102 -15.51 15.41 12.23
N ILE A 103 -16.35 15.62 11.23
CA ILE A 103 -17.02 16.91 11.10
C ILE A 103 -18.19 16.90 12.02
N LYS A 104 -18.28 17.90 12.88
CA LYS A 104 -19.34 17.95 13.89
C LYS A 104 -20.61 18.58 13.35
N GLY A 105 -21.76 18.05 13.76
CA GLY A 105 -23.04 18.59 13.36
C GLY A 105 -24.09 17.51 13.44
N THR A 106 -25.27 17.79 12.89
CA THR A 106 -26.45 16.91 12.97
C THR A 106 -26.87 16.64 11.55
N PHE A 107 -27.07 15.37 11.21
CA PHE A 107 -27.47 15.00 9.88
C PHE A 107 -28.86 15.49 9.58
N LEU A 108 -29.02 16.02 8.39
CA LEU A 108 -30.33 16.46 7.92
C LEU A 108 -31.27 15.27 7.78
N THR A 109 -32.49 15.41 8.28
CA THR A 109 -33.55 14.42 8.06
C THR A 109 -34.85 15.13 7.70
N PRO A 110 -35.86 14.40 7.23
CA PRO A 110 -37.16 15.00 6.92
C PRO A 110 -37.84 15.58 8.16
N GLU A 111 -37.66 14.93 9.27
CA GLU A 111 -38.21 15.43 10.49
C GLU A 111 -37.65 16.76 10.89
N ILE A 112 -36.34 16.88 10.89
CA ILE A 112 -35.72 18.13 11.21
C ILE A 112 -36.17 19.22 10.23
N TYR A 113 -36.19 18.88 8.95
CA TYR A 113 -36.55 19.88 7.96
C TYR A 113 -37.92 20.46 8.26
N SER A 114 -38.85 19.60 8.67
CA SER A 114 -40.23 20.04 8.88
C SER A 114 -40.36 20.95 10.08
N THR A 115 -39.41 20.94 11.01
CA THR A 115 -39.45 21.89 12.14
C THR A 115 -38.79 23.24 11.75
N MET A 116 -38.13 23.33 10.60
CA MET A 116 -37.45 24.59 10.25
C MET A 116 -38.49 25.60 9.75
N SER A 117 -38.34 26.90 10.02
CA SER A 117 -39.14 27.96 9.39
C SER A 117 -38.91 27.98 7.90
N GLU A 118 -39.80 28.61 7.18
CA GLU A 118 -39.66 28.73 5.74
C GLU A 118 -38.34 29.39 5.33
N GLU A 119 -37.97 30.45 6.02
CA GLU A 119 -36.71 31.10 5.80
C GLU A 119 -35.54 30.13 6.08
N GLU A 120 -35.54 29.38 7.19
CA GLU A 120 -34.46 28.44 7.42
C GLU A 120 -34.34 27.39 6.32
N GLN A 121 -35.47 26.93 5.85
CA GLN A 121 -35.48 26.03 4.75
C GLN A 121 -34.88 26.64 3.49
N ASN A 122 -35.25 27.87 3.19
CA ASN A 122 -34.70 28.57 2.05
C ASN A 122 -33.24 28.69 2.14
N LEU A 123 -32.74 29.06 3.30
CA LEU A 123 -31.26 29.29 3.43
C LEU A 123 -30.47 27.99 3.27
N LEU A 124 -31.02 26.87 3.79
CA LEU A 124 -30.42 25.54 3.57
C LEU A 124 -30.43 25.16 2.09
N LYS A 125 -31.58 25.35 1.42
CA LYS A 125 -31.62 25.10 -0.01
C LYS A 125 -30.58 25.93 -0.75
N ARG A 126 -30.41 27.19 -0.37
CA ARG A 126 -29.42 28.03 -1.05
C ARG A 126 -28.05 27.51 -0.78
N ASP A 127 -27.78 27.10 0.47
CA ASP A 127 -26.43 26.61 0.76
C ASP A 127 -26.09 25.40 -0.13
N ILE A 128 -27.08 24.54 -0.31
CA ILE A 128 -26.89 23.34 -1.11
C ILE A 128 -26.64 23.68 -2.56
N ALA A 129 -27.47 24.53 -3.11
CA ALA A 129 -27.30 24.97 -4.47
C ALA A 129 -25.97 25.56 -4.67
N SER A 130 -25.52 26.36 -3.70
CA SER A 130 -24.22 26.98 -3.80
C SER A 130 -23.07 26.00 -3.77
N PHE A 131 -23.14 25.00 -2.89
CA PHE A 131 -22.08 24.02 -2.83
C PHE A 131 -22.01 23.25 -4.15
N LEU A 132 -23.16 22.85 -4.67
CA LEU A 132 -23.18 22.09 -5.91
C LEU A 132 -22.71 22.90 -7.11
N ARG A 133 -23.04 24.17 -7.13
CA ARG A 133 -22.58 25.05 -8.18
C ARG A 133 -21.02 25.12 -8.12
N GLN A 134 -20.49 25.35 -6.94
CA GLN A 134 -19.03 25.47 -6.80
C GLN A 134 -18.34 24.14 -7.20
N MET A 135 -18.87 22.99 -6.75
CA MET A 135 -18.21 21.73 -7.09
C MET A 135 -18.36 21.37 -8.59
N HIS A 136 -19.56 21.54 -9.12
CA HIS A 136 -19.78 21.27 -10.51
C HIS A 136 -18.99 22.19 -11.45
N GLY A 137 -18.59 23.36 -10.96
CA GLY A 137 -17.90 24.34 -11.80
C GLY A 137 -16.40 24.12 -11.77
N LEU A 138 -15.87 23.21 -10.93
CA LEU A 138 -14.42 23.02 -10.90
C LEU A 138 -13.88 22.49 -12.22
N ASP A 139 -12.76 23.03 -12.62
CA ASP A 139 -11.91 22.42 -13.63
C ASP A 139 -11.44 21.10 -13.07
N TYR A 140 -11.84 20.02 -13.71
CA TYR A 140 -11.57 18.67 -13.17
C TYR A 140 -10.41 17.95 -13.85
N THR A 141 -9.61 18.70 -14.60
CA THR A 141 -8.50 18.10 -15.33
C THR A 141 -7.65 17.22 -14.42
N ASP A 142 -7.35 17.71 -13.23
CA ASP A 142 -6.37 17.05 -12.35
C ASP A 142 -6.93 15.77 -11.70
N ILE A 143 -8.23 15.53 -11.88
CA ILE A 143 -8.86 14.34 -11.43
C ILE A 143 -9.53 13.62 -12.62
N SER A 144 -8.96 13.77 -13.81
CA SER A 144 -9.68 13.36 -15.02
C SER A 144 -9.85 11.83 -15.15
N GLU A 145 -9.06 11.07 -14.39
CA GLU A 145 -9.12 9.61 -14.25
C GLU A 145 -10.45 9.12 -13.69
N CYS A 146 -11.11 9.98 -12.90
CA CYS A 146 -12.32 9.56 -12.23
C CYS A 146 -13.58 9.82 -13.04
N THR A 147 -13.57 9.45 -14.31
CA THR A 147 -14.75 9.54 -15.16
C THR A 147 -15.67 8.38 -15.00
N ILE A 148 -16.96 8.63 -15.06
CA ILE A 148 -17.93 7.59 -14.92
C ILE A 148 -18.94 7.81 -16.03
N ASP A 149 -19.20 6.78 -16.82
CA ASP A 149 -20.20 6.82 -17.90
C ASP A 149 -21.28 5.85 -17.46
N ASN A 150 -22.40 6.37 -16.92
CA ASN A 150 -23.46 5.52 -16.39
C ASN A 150 -24.15 4.69 -17.45
N LYS A 151 -24.38 5.26 -18.62
CA LYS A 151 -25.04 4.53 -19.69
C LYS A 151 -24.24 3.33 -20.08
N GLN A 152 -22.96 3.55 -20.32
CA GLN A 152 -22.07 2.48 -20.72
C GLN A 152 -21.96 1.44 -19.60
N ASN A 153 -21.87 1.89 -18.34
CA ASN A 153 -21.85 0.94 -17.22
C ASN A 153 -23.08 0.04 -17.23
N VAL A 154 -24.27 0.62 -17.48
CA VAL A 154 -25.50 -0.18 -17.56
C VAL A 154 -25.45 -1.19 -18.68
N LEU A 155 -25.03 -0.77 -19.85
CA LEU A 155 -24.83 -1.71 -20.96
C LEU A 155 -23.92 -2.87 -20.57
N GLU A 156 -22.79 -2.60 -19.93
CA GLU A 156 -21.88 -3.68 -19.50
C GLU A 156 -22.49 -4.58 -18.46
N GLU A 157 -23.28 -4.02 -17.58
CA GLU A 157 -23.98 -4.80 -16.60
C GLU A 157 -25.05 -5.64 -17.23
N TYR A 158 -25.73 -5.12 -18.26
CA TYR A 158 -26.72 -5.89 -18.99
C TYR A 158 -26.02 -7.07 -19.64
N ILE A 159 -24.85 -6.86 -20.22
CA ILE A 159 -24.14 -7.97 -20.84
C ILE A 159 -23.77 -9.04 -19.82
N LEU A 160 -23.27 -8.62 -18.65
CA LEU A 160 -23.02 -9.56 -17.58
C LEU A 160 -24.27 -10.35 -17.22
N LEU A 161 -25.43 -9.70 -17.12
CA LEU A 161 -26.70 -10.43 -16.92
C LEU A 161 -26.93 -11.49 -17.96
N ARG A 162 -26.74 -11.11 -19.22
CA ARG A 162 -26.98 -12.04 -20.34
C ARG A 162 -26.05 -13.23 -20.27
N GLU A 163 -24.83 -13.01 -19.81
CA GLU A 163 -23.86 -14.06 -19.66
C GLU A 163 -24.05 -14.95 -18.42
N THR A 164 -24.91 -14.56 -17.49
CA THR A 164 -25.04 -15.29 -16.22
C THR A 164 -26.44 -15.80 -16.03
N ILE A 165 -27.28 -15.03 -15.38
CA ILE A 165 -28.58 -15.56 -14.96
C ILE A 165 -29.79 -15.17 -15.82
N TYR A 166 -29.60 -14.34 -16.83
CA TYR A 166 -30.76 -13.82 -17.60
C TYR A 166 -31.69 -14.90 -18.11
N ASN A 167 -31.16 -15.97 -18.64
CA ASN A 167 -32.00 -17.03 -19.21
C ASN A 167 -32.85 -17.76 -18.18
N ASP A 168 -32.42 -17.76 -16.92
CA ASP A 168 -33.24 -18.33 -15.85
C ASP A 168 -34.24 -17.37 -15.18
N LEU A 169 -34.31 -16.13 -15.62
CA LEU A 169 -35.32 -15.21 -15.05
C LEU A 169 -36.68 -15.53 -15.57
N THR A 170 -37.71 -15.05 -14.89
CA THR A 170 -39.09 -15.19 -15.38
C THR A 170 -39.39 -14.21 -16.53
N ASP A 171 -40.50 -14.43 -17.23
CA ASP A 171 -40.88 -13.53 -18.29
C ASP A 171 -41.11 -12.14 -17.75
N ILE A 172 -41.77 -12.01 -16.60
CA ILE A 172 -42.02 -10.71 -16.01
C ILE A 172 -40.71 -9.98 -15.69
N GLU A 173 -39.72 -10.72 -15.21
CA GLU A 173 -38.42 -10.14 -14.91
C GLU A 173 -37.73 -9.68 -16.17
N LYS A 174 -37.73 -10.53 -17.18
CA LYS A 174 -37.14 -10.21 -18.44
C LYS A 174 -37.79 -8.98 -19.03
N ASP A 175 -39.12 -8.91 -18.98
CA ASP A 175 -39.81 -7.80 -19.58
C ASP A 175 -39.48 -6.48 -18.90
N TYR A 176 -39.35 -6.50 -17.58
CA TYR A 176 -38.99 -5.32 -16.85
C TYR A 176 -37.62 -4.85 -17.33
N ILE A 177 -36.69 -5.77 -17.43
CA ILE A 177 -35.34 -5.44 -17.88
C ILE A 177 -35.35 -4.90 -19.31
N GLU A 178 -36.05 -5.54 -20.23
CA GLU A 178 -36.04 -5.11 -21.61
C GLU A 178 -36.72 -3.77 -21.77
N SER A 179 -37.77 -3.57 -21.02
CA SER A 179 -38.47 -2.30 -21.05
C SER A 179 -37.56 -1.13 -20.52
N PHE A 180 -36.78 -1.40 -19.51
CA PHE A 180 -35.75 -0.47 -19.10
C PHE A 180 -34.71 -0.22 -20.21
N MET A 181 -34.22 -1.26 -20.86
CA MET A 181 -33.19 -1.09 -21.89
C MET A 181 -33.72 -0.29 -23.05
N GLU A 182 -35.00 -0.45 -23.37
CA GLU A 182 -35.60 0.30 -24.45
C GLU A 182 -35.70 1.79 -24.10
N ARG A 183 -36.04 2.06 -22.85
CA ARG A 183 -36.06 3.42 -22.38
C ARG A 183 -34.64 4.02 -22.35
N LEU A 184 -33.67 3.23 -21.91
CA LEU A 184 -32.28 3.67 -21.92
C LEU A 184 -31.84 4.11 -23.33
N ASN A 185 -32.29 3.38 -24.33
CA ASN A 185 -31.85 3.60 -25.65
C ASN A 185 -32.54 4.81 -26.27
N ALA A 186 -33.73 5.12 -25.80
CA ALA A 186 -34.46 6.28 -26.34
C ALA A 186 -34.12 7.59 -25.61
N THR A 187 -33.60 7.54 -24.39
CA THR A 187 -33.45 8.77 -23.64
C THR A 187 -32.30 9.64 -24.16
N THR A 188 -32.42 10.93 -23.92
CA THR A 188 -31.33 11.87 -24.18
C THR A 188 -30.63 12.35 -22.93
N VAL A 189 -31.02 11.89 -21.74
CA VAL A 189 -30.51 12.53 -20.53
C VAL A 189 -29.05 12.25 -20.23
N PHE A 190 -28.37 11.38 -20.97
CA PHE A 190 -26.90 11.20 -20.79
C PHE A 190 -26.05 12.03 -21.73
N GLU A 191 -26.65 12.97 -22.44
CA GLU A 191 -25.91 13.67 -23.45
C GLU A 191 -25.64 15.11 -23.04
N GLY A 192 -25.84 15.45 -21.77
CA GLY A 192 -25.65 16.82 -21.32
C GLY A 192 -24.30 17.03 -20.65
N LYS A 193 -24.20 18.12 -19.92
CA LYS A 193 -23.01 18.53 -19.25
C LYS A 193 -22.50 17.45 -18.26
N LYS A 194 -21.21 17.19 -18.37
CA LYS A 194 -20.45 16.36 -17.47
C LYS A 194 -19.68 17.23 -16.52
N CYS A 195 -19.62 16.83 -15.26
CA CYS A 195 -18.83 17.55 -14.29
C CYS A 195 -18.54 16.70 -13.10
N LEU A 196 -17.68 17.17 -12.21
CA LEU A 196 -17.41 16.45 -10.97
C LEU A 196 -18.64 16.53 -10.06
N CYS A 197 -19.19 15.37 -9.74
CA CYS A 197 -20.32 15.24 -8.85
C CYS A 197 -20.03 14.39 -7.62
N HIS A 198 -20.70 14.72 -6.51
CA HIS A 198 -20.59 13.96 -5.28
C HIS A 198 -21.05 12.55 -5.58
N ASN A 199 -22.21 12.45 -6.25
CA ASN A 199 -22.78 11.19 -6.79
C ASN A 199 -23.35 10.26 -5.75
N ASP A 200 -23.58 10.75 -4.55
CA ASP A 200 -24.40 10.02 -3.58
C ASP A 200 -25.01 11.04 -2.62
N PHE A 201 -25.64 12.06 -3.20
CA PHE A 201 -25.90 13.29 -2.51
C PHE A 201 -27.28 13.27 -1.85
N SER A 202 -27.39 12.49 -0.78
CA SER A 202 -28.60 12.24 -0.05
C SER A 202 -28.52 12.92 1.26
N CYS A 203 -29.63 13.05 1.97
CA CYS A 203 -29.54 13.87 3.17
C CYS A 203 -28.82 13.23 4.33
N ASN A 204 -28.62 11.90 4.32
CA ASN A 204 -27.77 11.29 5.33
C ASN A 204 -26.24 11.56 5.13
N HIS A 205 -25.89 12.35 4.13
CA HIS A 205 -24.53 12.80 3.98
C HIS A 205 -24.39 14.30 4.18
N LEU A 206 -25.47 14.96 4.61
CA LEU A 206 -25.43 16.42 4.79
C LEU A 206 -25.56 16.77 6.30
N LEU A 207 -24.60 17.56 6.81
CA LEU A 207 -24.55 17.93 8.20
C LEU A 207 -24.97 19.38 8.39
N LEU A 208 -25.78 19.63 9.41
CA LEU A 208 -26.19 20.98 9.82
C LEU A 208 -25.54 21.42 11.07
N ASP A 209 -25.32 22.74 11.20
CA ASP A 209 -24.77 23.33 12.44
C ASP A 209 -25.93 23.73 13.33
N GLY A 210 -25.66 24.39 14.45
CA GLY A 210 -26.69 24.70 15.43
C GLY A 210 -27.74 25.68 14.94
N ASN A 211 -27.48 26.36 13.83
CA ASN A 211 -28.53 27.18 13.21
C ASN A 211 -29.26 26.56 12.05
N ASN A 212 -29.11 25.27 11.86
CA ASN A 212 -29.75 24.58 10.75
C ASN A 212 -29.25 24.97 9.35
N ARG A 213 -28.01 25.42 9.28
CA ARG A 213 -27.35 25.75 8.06
C ARG A 213 -26.39 24.64 7.75
N LEU A 214 -26.07 24.55 6.47
CA LEU A 214 -25.20 23.48 6.02
C LEU A 214 -23.80 23.70 6.48
N THR A 215 -23.24 22.75 7.21
CA THR A 215 -21.92 22.92 7.74
C THR A 215 -20.90 21.93 7.19
N GLY A 216 -21.39 20.78 6.74
CA GLY A 216 -20.49 19.77 6.19
C GLY A 216 -21.19 18.76 5.31
N ILE A 217 -20.36 18.11 4.50
CA ILE A 217 -20.77 17.05 3.58
C ILE A 217 -19.75 15.93 3.61
N ILE A 218 -20.25 14.70 3.74
CA ILE A 218 -19.41 13.54 3.79
C ILE A 218 -19.62 12.56 2.67
N ASP A 219 -18.75 11.55 2.62
CA ASP A 219 -18.85 10.36 1.79
C ASP A 219 -18.87 10.71 0.32
N PHE A 220 -17.73 11.11 -0.16
CA PHE A 220 -17.53 11.37 -1.58
C PHE A 220 -16.96 10.09 -2.23
N GLY A 221 -17.27 8.93 -1.63
CA GLY A 221 -16.78 7.67 -2.11
C GLY A 221 -17.21 7.32 -3.53
N ASP A 222 -18.31 7.85 -4.04
CA ASP A 222 -18.77 7.46 -5.37
C ASP A 222 -18.59 8.59 -6.37
N SER A 223 -17.88 9.64 -5.95
CA SER A 223 -17.75 10.83 -6.77
C SER A 223 -16.95 10.58 -8.00
N GLY A 224 -17.28 11.34 -9.03
CA GLY A 224 -16.56 11.30 -10.29
C GLY A 224 -17.13 12.28 -11.30
N ILE A 225 -16.57 12.24 -12.46
CA ILE A 225 -16.94 13.14 -13.53
C ILE A 225 -18.02 12.41 -14.30
N ILE A 226 -19.21 12.99 -14.25
CA ILE A 226 -20.41 12.29 -14.64
C ILE A 226 -21.48 13.32 -14.96
N ASP A 227 -22.66 12.90 -15.37
CA ASP A 227 -23.72 13.85 -15.69
C ASP A 227 -24.05 14.75 -14.50
N GLU A 228 -24.12 16.06 -14.79
CA GLU A 228 -24.55 17.08 -13.85
C GLU A 228 -25.86 16.69 -13.13
N TYR A 229 -26.77 16.06 -13.86
CA TYR A 229 -28.04 15.64 -13.28
C TYR A 229 -27.88 14.68 -12.06
N CYS A 230 -26.75 13.98 -11.95
CA CYS A 230 -26.55 12.97 -10.88
C CYS A 230 -26.72 13.50 -9.47
N ASP A 231 -26.31 14.74 -9.23
CA ASP A 231 -26.33 15.21 -7.89
C ASP A 231 -27.72 15.68 -7.46
N PHE A 232 -28.74 15.45 -8.29
CA PHE A 232 -30.10 15.84 -7.93
C PHE A 232 -31.02 14.67 -7.76
N ILE A 233 -30.51 13.48 -7.93
CA ILE A 233 -31.28 12.26 -7.87
C ILE A 233 -31.94 12.06 -6.52
N TYR A 234 -31.26 12.40 -5.42
CA TYR A 234 -31.86 12.15 -4.09
C TYR A 234 -32.64 13.35 -3.62
N LEU A 235 -32.22 14.51 -4.04
CA LEU A 235 -32.96 15.72 -3.73
C LEU A 235 -34.28 15.70 -4.39
N LEU A 236 -34.40 15.01 -5.52
CA LEU A 236 -35.70 14.90 -6.19
C LEU A 236 -36.54 13.71 -5.70
N GLU A 237 -35.98 12.86 -4.85
CA GLU A 237 -36.61 11.57 -4.52
C GLU A 237 -37.72 11.77 -3.54
N ASP A 238 -38.79 11.07 -3.78
CA ASP A 238 -39.95 11.06 -2.92
C ASP A 238 -39.91 9.72 -2.12
N SER A 239 -39.40 9.75 -0.88
CA SER A 239 -39.33 8.57 0.00
C SER A 239 -39.27 9.02 1.45
N GLU A 240 -39.35 8.07 2.36
CA GLU A 240 -39.28 8.36 3.77
C GLU A 240 -37.92 8.86 4.23
N GLU A 241 -36.88 8.53 3.52
CA GLU A 241 -35.54 8.96 3.90
C GLU A 241 -35.17 10.34 3.37
N GLU A 242 -35.82 10.80 2.30
CA GLU A 242 -35.43 12.08 1.70
C GLU A 242 -36.55 13.12 1.95
N ILE A 243 -36.22 14.39 1.77
CA ILE A 243 -37.13 15.45 2.07
C ILE A 243 -38.29 15.55 1.13
N GLY A 244 -38.04 15.45 -0.16
CA GLY A 244 -39.20 15.38 -1.14
C GLY A 244 -38.90 16.11 -2.45
N THR A 245 -39.72 15.86 -3.45
CA THR A 245 -39.53 16.40 -4.78
C THR A 245 -39.47 17.92 -4.85
N ASN A 246 -40.29 18.59 -4.05
CA ASN A 246 -40.28 20.05 -3.97
C ASN A 246 -39.02 20.65 -3.49
N PHE A 247 -38.39 19.96 -2.56
CA PHE A 247 -37.10 20.34 -2.07
C PHE A 247 -36.10 20.37 -3.22
N GLY A 248 -36.00 19.27 -3.94
CA GLY A 248 -35.06 19.23 -5.07
C GLY A 248 -35.38 20.21 -6.22
N GLU A 249 -36.66 20.42 -6.48
CA GLU A 249 -37.03 21.40 -7.47
C GLU A 249 -36.59 22.82 -7.12
N ASP A 250 -36.80 23.21 -5.87
CA ASP A 250 -36.46 24.54 -5.45
C ASP A 250 -34.96 24.70 -5.55
N ILE A 251 -34.21 23.67 -5.18
CA ILE A 251 -32.79 23.70 -5.24
C ILE A 251 -32.31 23.82 -6.69
N LEU A 252 -32.97 23.10 -7.57
CA LEU A 252 -32.67 23.21 -8.99
C LEU A 252 -32.91 24.61 -9.52
N ARG A 253 -33.96 25.29 -9.06
CA ARG A 253 -34.22 26.67 -9.48
C ARG A 253 -33.17 27.60 -8.96
N MET A 254 -32.73 27.37 -7.75
CA MET A 254 -31.69 28.21 -7.19
C MET A 254 -30.36 27.96 -7.89
N TYR A 255 -30.09 26.71 -8.25
CA TYR A 255 -28.84 26.35 -8.90
C TYR A 255 -28.76 27.01 -10.28
N GLY A 256 -29.86 26.93 -11.03
CA GLY A 256 -30.04 27.62 -12.30
C GLY A 256 -29.34 26.95 -13.48
N ASN A 257 -29.72 27.34 -14.68
CA ASN A 257 -29.08 26.86 -15.90
C ASN A 257 -29.05 25.35 -15.99
N ILE A 258 -30.20 24.74 -15.69
CA ILE A 258 -30.35 23.30 -15.78
C ILE A 258 -31.80 22.99 -16.09
N ASP A 259 -31.98 22.04 -16.98
CA ASP A 259 -33.27 21.61 -17.43
C ASP A 259 -33.89 20.68 -16.37
N ILE A 260 -34.90 21.18 -15.68
CA ILE A 260 -35.48 20.49 -14.52
C ILE A 260 -36.18 19.24 -14.97
N GLU A 261 -36.83 19.30 -16.12
CA GLU A 261 -37.58 18.15 -16.56
C GLU A 261 -36.61 16.96 -16.89
N LYS A 262 -35.46 17.24 -17.43
CA LYS A 262 -34.49 16.20 -17.69
C LYS A 262 -33.86 15.69 -16.43
N ALA A 263 -33.58 16.57 -15.48
CA ALA A 263 -33.12 16.11 -14.18
C ALA A 263 -34.10 15.10 -13.58
N LYS A 264 -35.41 15.36 -13.76
CA LYS A 264 -36.43 14.44 -13.23
C LYS A 264 -36.49 13.17 -14.00
N GLU A 265 -36.34 13.28 -15.28
CA GLU A 265 -36.27 12.09 -16.11
C GLU A 265 -35.05 11.23 -15.72
N TYR A 266 -33.91 11.86 -15.45
CA TYR A 266 -32.74 11.16 -15.05
C TYR A 266 -32.97 10.44 -13.72
N GLN A 267 -33.51 11.12 -12.73
CA GLN A 267 -33.87 10.45 -11.49
C GLN A 267 -34.86 9.26 -11.69
N ASP A 268 -35.84 9.44 -12.57
CA ASP A 268 -36.86 8.42 -12.78
C ASP A 268 -36.24 7.17 -13.44
N ILE A 269 -35.32 7.39 -14.36
CA ILE A 269 -34.60 6.29 -14.98
C ILE A 269 -33.68 5.57 -13.99
N VAL A 270 -32.95 6.30 -13.17
CA VAL A 270 -32.14 5.69 -12.14
C VAL A 270 -32.98 4.93 -11.17
N GLU A 271 -34.16 5.44 -10.84
CA GLU A 271 -35.03 4.72 -9.89
C GLU A 271 -35.53 3.40 -10.55
N GLU A 272 -35.83 3.45 -11.84
CA GLU A 272 -36.33 2.27 -12.53
C GLU A 272 -35.22 1.24 -12.59
N TYR A 273 -33.97 1.69 -12.71
CA TYR A 273 -32.86 0.76 -12.74
C TYR A 273 -32.57 0.03 -11.40
N TYR A 274 -32.98 0.58 -10.28
CA TYR A 274 -32.59 0.07 -8.99
C TYR A 274 -32.66 -1.45 -8.78
N PRO A 275 -33.80 -2.08 -9.06
CA PRO A 275 -33.86 -3.52 -8.91
C PRO A 275 -32.84 -4.30 -9.77
N ILE A 276 -32.49 -3.75 -10.92
CA ILE A 276 -31.53 -4.40 -11.78
C ILE A 276 -30.14 -4.16 -11.19
N GLU A 277 -29.89 -2.95 -10.73
CA GLU A 277 -28.64 -2.63 -10.05
C GLU A 277 -28.45 -3.59 -8.89
N THR A 278 -29.52 -3.92 -8.20
CA THR A 278 -29.45 -4.75 -7.01
C THR A 278 -29.08 -6.16 -7.45
N ILE A 279 -29.72 -6.65 -8.49
CA ILE A 279 -29.42 -7.98 -9.01
C ILE A 279 -27.96 -8.12 -9.40
N VAL A 280 -27.49 -7.11 -10.13
CA VAL A 280 -26.14 -7.08 -10.62
C VAL A 280 -25.12 -7.07 -9.46
N TYR A 281 -25.41 -6.29 -8.42
CA TYR A 281 -24.56 -6.26 -7.27
C TYR A 281 -24.47 -7.68 -6.72
N GLY A 282 -25.57 -8.43 -6.72
CA GLY A 282 -25.56 -9.79 -6.17
C GLY A 282 -24.73 -10.77 -6.99
N ILE A 283 -24.78 -10.60 -8.30
CA ILE A 283 -24.03 -11.45 -9.20
C ILE A 283 -22.55 -11.18 -8.98
N LYS A 284 -22.15 -9.92 -9.05
CA LYS A 284 -20.74 -9.56 -9.01
C LYS A 284 -20.08 -9.91 -7.70
N ASN A 285 -20.85 -9.86 -6.61
CA ASN A 285 -20.32 -10.08 -5.27
C ASN A 285 -20.72 -11.42 -4.72
N ILE A 286 -21.28 -12.26 -5.58
CA ILE A 286 -21.68 -13.59 -5.18
C ILE A 286 -22.52 -13.52 -3.90
N LYS A 287 -23.59 -12.73 -3.94
CA LYS A 287 -24.55 -12.67 -2.86
C LYS A 287 -25.98 -12.89 -3.35
N GLN A 288 -26.45 -14.12 -3.18
CA GLN A 288 -27.75 -14.57 -3.68
C GLN A 288 -28.89 -13.69 -3.18
N GLU A 289 -28.76 -13.29 -1.94
CA GLU A 289 -29.73 -12.44 -1.24
C GLU A 289 -30.07 -11.14 -2.04
N PHE A 290 -29.07 -10.51 -2.65
CA PHE A 290 -29.32 -9.34 -3.45
C PHE A 290 -30.06 -9.70 -4.75
N ILE A 291 -29.70 -10.83 -5.35
CA ILE A 291 -30.35 -11.29 -6.60
C ILE A 291 -31.81 -11.49 -6.30
N GLU A 292 -32.12 -12.21 -5.20
CA GLU A 292 -33.51 -12.45 -4.79
C GLU A 292 -34.23 -11.14 -4.54
N ASN A 293 -33.60 -10.22 -3.79
CA ASN A 293 -34.26 -8.97 -3.42
C ASN A 293 -34.62 -8.15 -4.68
N GLY A 294 -33.73 -8.13 -5.65
CA GLY A 294 -33.96 -7.31 -6.83
C GLY A 294 -35.10 -7.88 -7.67
N ARG A 295 -35.14 -9.19 -7.75
CA ARG A 295 -36.16 -9.88 -8.51
C ARG A 295 -37.50 -9.68 -7.86
N LYS A 296 -37.56 -9.80 -6.54
CA LYS A 296 -38.79 -9.54 -5.82
C LYS A 296 -39.29 -8.11 -6.02
N GLU A 297 -38.35 -7.18 -6.00
CA GLU A 297 -38.70 -5.79 -6.16
C GLU A 297 -39.33 -5.52 -7.55
N ILE A 298 -38.82 -6.21 -8.56
CA ILE A 298 -39.41 -6.12 -9.89
C ILE A 298 -40.90 -6.45 -9.86
N TYR A 299 -41.28 -7.51 -9.10
CA TYR A 299 -42.67 -7.83 -8.93
C TYR A 299 -43.43 -6.78 -8.17
N LYS A 300 -42.84 -6.23 -7.11
CA LYS A 300 -43.51 -5.18 -6.36
C LYS A 300 -43.81 -3.98 -7.24
N ARG A 301 -42.82 -3.55 -7.99
CA ARG A 301 -43.04 -2.44 -8.91
C ARG A 301 -44.07 -2.80 -10.03
N THR A 302 -44.04 -4.01 -10.55
CA THR A 302 -44.91 -4.36 -11.68
C THR A 302 -46.38 -4.31 -11.24
N TYR A 303 -46.63 -4.69 -9.99
CA TYR A 303 -47.98 -4.87 -9.48
C TYR A 303 -48.53 -3.66 -8.74
N LYS A 304 -47.70 -2.64 -8.57
CA LYS A 304 -48.12 -1.44 -7.86
C LYS A 304 -49.16 -0.70 -8.70
N ASP A 305 -48.99 -0.79 -10.01
CA ASP A 305 -50.03 -0.47 -10.99
C ASP A 305 -49.69 -1.24 -12.26
N TYR B 5 -26.43 -4.53 9.47
CA TYR B 5 -25.07 -4.80 10.04
C TYR B 5 -24.97 -6.19 10.66
N ASP B 6 -23.88 -6.90 10.33
CA ASP B 6 -23.63 -8.24 10.85
C ASP B 6 -22.27 -8.28 11.61
N ASP B 7 -22.31 -8.22 12.95
CA ASP B 7 -21.09 -8.34 13.80
C ASP B 7 -20.37 -9.67 13.50
N ASN B 8 -21.17 -10.67 13.11
CA ASN B 8 -20.67 -11.98 12.65
C ASN B 8 -19.78 -11.93 11.40
N ALA B 9 -20.36 -11.63 10.25
CA ALA B 9 -19.60 -11.49 8.99
C ALA B 9 -18.34 -10.64 9.16
N THR B 10 -18.40 -9.54 9.93
CA THR B 10 -17.27 -8.63 10.05
C THR B 10 -16.08 -9.14 10.86
N ASN B 11 -16.36 -9.86 11.96
CA ASN B 11 -15.32 -10.44 12.85
C ASN B 11 -14.44 -11.39 12.05
N VAL B 12 -15.17 -12.23 11.33
CA VAL B 12 -14.61 -13.27 10.52
C VAL B 12 -13.69 -12.69 9.45
N LYS B 13 -14.10 -11.59 8.80
CA LYS B 13 -13.27 -10.94 7.77
C LYS B 13 -11.98 -10.43 8.33
N ALA B 14 -12.07 -9.80 9.50
CA ALA B 14 -10.89 -9.28 10.14
C ALA B 14 -9.91 -10.40 10.52
N MET B 15 -10.42 -11.48 11.09
CA MET B 15 -9.54 -12.59 11.50
C MET B 15 -9.00 -13.38 10.30
N LYS B 16 -9.80 -13.47 9.23
CA LYS B 16 -9.32 -14.05 7.98
C LYS B 16 -8.16 -13.26 7.43
N TYR B 17 -8.28 -11.94 7.48
CA TYR B 17 -7.19 -11.09 7.05
C TYR B 17 -5.93 -11.33 7.91
N LEU B 18 -6.09 -11.35 9.20
CA LEU B 18 -4.94 -11.48 10.11
C LEU B 18 -4.22 -12.81 9.94
N ILE B 19 -5.00 -13.87 9.81
CA ILE B 19 -4.42 -15.21 9.63
C ILE B 19 -3.62 -15.23 8.37
N GLU B 20 -4.21 -14.76 7.28
CA GLU B 20 -3.52 -14.77 6.01
C GLU B 20 -2.32 -13.84 6.02
N HIS B 21 -2.38 -12.79 6.83
CA HIS B 21 -1.30 -11.83 6.89
C HIS B 21 -0.11 -12.38 7.67
N TYR B 22 -0.38 -13.02 8.81
CA TYR B 22 0.71 -13.52 9.71
C TYR B 22 1.25 -14.92 9.36
N PHE B 23 0.45 -15.73 8.66
CA PHE B 23 0.85 -17.05 8.22
C PHE B 23 0.84 -17.06 6.71
N ASP B 24 1.98 -16.67 6.14
CA ASP B 24 1.98 -16.22 4.74
C ASP B 24 1.53 -17.25 3.68
N ASN B 25 1.64 -18.56 3.89
CA ASN B 25 1.07 -19.43 2.85
C ASN B 25 -0.29 -20.00 3.19
N PHE B 26 -0.91 -19.50 4.25
CA PHE B 26 -2.14 -20.08 4.68
C PHE B 26 -3.29 -19.45 3.94
N LYS B 27 -4.15 -20.26 3.35
CA LYS B 27 -5.31 -19.78 2.64
C LYS B 27 -6.57 -20.14 3.36
N VAL B 28 -7.40 -19.14 3.66
CA VAL B 28 -8.64 -19.37 4.40
C VAL B 28 -9.79 -19.54 3.42
N ASP B 29 -10.27 -20.77 3.24
CA ASP B 29 -11.38 -21.04 2.33
C ASP B 29 -12.68 -20.94 3.11
N SER B 30 -12.66 -21.24 4.39
CA SER B 30 -13.84 -21.04 5.22
C SER B 30 -13.40 -20.74 6.64
N ILE B 31 -14.25 -19.99 7.35
CA ILE B 31 -13.94 -19.55 8.70
C ILE B 31 -15.22 -19.21 9.41
N GLU B 32 -15.38 -19.79 10.60
CA GLU B 32 -16.52 -19.48 11.42
C GLU B 32 -16.12 -19.46 12.89
N ILE B 33 -16.91 -18.73 13.65
CA ILE B 33 -16.70 -18.61 15.06
C ILE B 33 -17.21 -19.90 15.70
N ILE B 34 -16.37 -20.52 16.51
CA ILE B 34 -16.70 -21.78 17.17
C ILE B 34 -16.83 -21.60 18.68
N GLY B 35 -16.18 -20.60 19.23
CA GLY B 35 -16.45 -20.22 20.61
C GLY B 35 -15.92 -18.86 20.99
N SER B 36 -16.31 -18.44 22.17
CA SER B 36 -16.01 -17.13 22.72
C SER B 36 -15.80 -17.17 24.20
N GLY B 37 -14.85 -16.39 24.66
CA GLY B 37 -14.81 -16.00 26.07
C GLY B 37 -15.06 -14.50 26.11
N TYR B 38 -14.79 -13.88 27.23
CA TYR B 38 -15.03 -12.45 27.25
C TYR B 38 -13.86 -11.70 26.64
N ASP B 39 -12.71 -12.35 26.47
CA ASP B 39 -11.63 -11.65 25.84
C ASP B 39 -10.88 -12.52 24.86
N SER B 40 -11.57 -13.51 24.30
CA SER B 40 -10.94 -14.29 23.25
C SER B 40 -12.01 -14.76 22.26
N VAL B 41 -11.55 -15.13 21.07
CA VAL B 41 -12.46 -15.78 20.15
C VAL B 41 -11.73 -16.92 19.45
N ALA B 42 -12.41 -18.02 19.34
CA ALA B 42 -11.89 -19.15 18.65
C ALA B 42 -12.71 -19.40 17.36
N TYR B 43 -11.99 -19.76 16.33
CA TYR B 43 -12.51 -19.96 14.97
C TYR B 43 -12.17 -21.33 14.43
N LEU B 44 -13.10 -21.92 13.67
CA LEU B 44 -12.84 -23.13 12.91
C LEU B 44 -12.59 -22.72 11.47
N VAL B 45 -11.40 -23.05 10.98
CA VAL B 45 -10.94 -22.64 9.68
C VAL B 45 -10.74 -23.86 8.77
N ASN B 46 -11.27 -23.75 7.55
CA ASN B 46 -11.22 -24.81 6.52
C ASN B 46 -11.77 -26.13 7.02
N ASN B 47 -12.70 -26.05 7.95
CA ASN B 47 -13.24 -27.21 8.61
C ASN B 47 -12.24 -28.18 9.18
N GLU B 48 -11.10 -27.65 9.59
CA GLU B 48 -9.97 -28.48 9.91
C GLU B 48 -9.05 -27.90 11.04
N TYR B 49 -8.89 -26.57 11.09
CA TYR B 49 -8.01 -25.91 12.02
C TYR B 49 -8.77 -25.06 13.03
N ILE B 50 -8.37 -25.14 14.30
CA ILE B 50 -8.84 -24.25 15.33
C ILE B 50 -7.82 -23.16 15.36
N PHE B 51 -8.29 -21.90 15.32
CA PHE B 51 -7.44 -20.76 15.60
C PHE B 51 -8.01 -20.03 16.82
N LYS B 52 -7.25 -20.07 17.93
CA LYS B 52 -7.59 -19.33 19.14
C LYS B 52 -6.94 -17.97 19.00
N THR B 53 -7.66 -16.90 19.34
CA THR B 53 -7.12 -15.56 19.19
C THR B 53 -7.52 -14.70 20.33
N LYS B 54 -6.66 -13.76 20.60
CA LYS B 54 -6.81 -12.87 21.75
C LYS B 54 -6.13 -11.54 21.40
N PHE B 55 -6.77 -10.44 21.65
CA PHE B 55 -6.11 -9.13 21.66
C PHE B 55 -5.82 -8.84 23.13
N SER B 56 -4.59 -8.63 23.54
CA SER B 56 -4.41 -8.41 25.01
C SER B 56 -4.25 -6.93 25.38
N LYS B 61 -0.34 -11.20 29.21
CA LYS B 61 -1.70 -11.72 29.34
C LYS B 61 -2.13 -12.39 28.00
N GLY B 62 -1.16 -12.86 27.21
CA GLY B 62 -1.29 -13.58 25.90
C GLY B 62 -1.10 -15.15 25.96
N TYR B 63 -0.76 -15.71 24.81
CA TYR B 63 -0.76 -17.16 24.61
C TYR B 63 0.63 -17.85 24.63
N ALA B 64 1.65 -17.13 25.06
CA ALA B 64 3.01 -17.66 25.13
C ALA B 64 3.15 -18.83 26.07
N LYS B 65 2.64 -18.72 27.29
CA LYS B 65 2.65 -19.84 28.24
C LYS B 65 1.86 -21.02 27.71
N GLU B 66 0.69 -20.77 27.17
CA GLU B 66 -0.13 -21.86 26.70
C GLU B 66 0.62 -22.63 25.63
N LYS B 67 1.24 -21.90 24.70
CA LYS B 67 2.05 -22.58 23.69
C LYS B 67 3.23 -23.39 24.27
N ALA B 68 3.93 -22.82 25.26
CA ALA B 68 5.06 -23.52 25.85
C ALA B 68 4.56 -24.77 26.51
N ILE B 69 3.35 -24.74 27.04
CA ILE B 69 2.79 -25.91 27.68
C ILE B 69 2.39 -27.00 26.66
N TYR B 70 1.79 -26.64 25.53
CA TYR B 70 1.50 -27.65 24.50
C TYR B 70 2.81 -28.28 23.93
N ASN B 71 3.84 -27.45 23.71
CA ASN B 71 5.08 -27.96 23.25
C ASN B 71 5.68 -28.94 24.32
N PHE B 72 5.66 -28.57 25.58
CA PHE B 72 6.22 -29.42 26.60
C PHE B 72 5.42 -30.72 26.72
N LEU B 73 4.10 -30.62 26.65
CA LEU B 73 3.27 -31.80 26.80
C LEU B 73 3.41 -32.74 25.58
N ASN B 74 3.52 -32.19 24.37
CA ASN B 74 3.57 -33.03 23.17
C ASN B 74 4.89 -33.74 23.05
N THR B 75 5.93 -33.12 23.59
CA THR B 75 7.21 -33.79 23.79
C THR B 75 7.18 -34.89 24.88
N ASN B 76 6.53 -34.68 26.00
CA ASN B 76 6.72 -35.53 27.17
C ASN B 76 5.58 -36.44 27.57
N LEU B 77 4.36 -36.19 27.13
CA LEU B 77 3.27 -37.09 27.51
C LEU B 77 3.30 -38.33 26.68
N GLU B 78 2.95 -39.45 27.27
CA GLU B 78 2.77 -40.69 26.55
C GLU B 78 1.34 -41.11 26.78
N THR B 79 0.47 -40.92 25.82
CA THR B 79 -0.94 -41.11 26.06
C THR B 79 -1.58 -41.22 24.72
N ASN B 80 -2.73 -41.85 24.63
CA ASN B 80 -3.47 -41.86 23.37
C ASN B 80 -4.43 -40.73 23.31
N VAL B 81 -4.58 -40.03 24.43
CA VAL B 81 -5.49 -38.90 24.45
C VAL B 81 -4.87 -37.75 23.69
N LYS B 82 -5.62 -37.16 22.76
CA LYS B 82 -5.09 -36.04 21.96
C LYS B 82 -5.22 -34.68 22.67
N ILE B 83 -4.22 -33.84 22.45
CA ILE B 83 -4.25 -32.49 22.91
C ILE B 83 -3.81 -31.58 21.75
N PRO B 84 -4.02 -30.27 21.87
CA PRO B 84 -3.63 -29.41 20.74
C PRO B 84 -2.18 -29.54 20.43
N ASN B 85 -1.87 -29.56 19.16
CA ASN B 85 -0.50 -29.53 18.70
C ASN B 85 -0.32 -28.29 17.80
N ILE B 86 0.42 -27.32 18.29
CA ILE B 86 0.48 -26.03 17.66
C ILE B 86 1.29 -26.04 16.38
N GLU B 87 0.65 -25.75 15.26
CA GLU B 87 1.37 -25.61 13.97
C GLU B 87 1.57 -24.15 13.58
N TYR B 88 0.71 -23.25 14.07
CA TYR B 88 0.82 -21.81 13.72
C TYR B 88 0.76 -20.99 15.01
N SER B 89 1.68 -20.07 15.18
CA SER B 89 1.55 -19.17 16.30
C SER B 89 2.09 -17.81 15.94
N TYR B 90 1.42 -16.77 16.45
CA TYR B 90 1.90 -15.40 16.40
C TYR B 90 1.63 -14.81 17.76
N ILE B 91 2.68 -14.34 18.41
CA ILE B 91 2.60 -13.85 19.76
C ILE B 91 3.27 -12.50 19.83
N SER B 92 2.48 -11.48 20.19
CA SER B 92 2.95 -10.13 20.36
C SER B 92 2.23 -9.61 21.59
N ASP B 93 2.65 -8.44 22.03
CA ASP B 93 2.00 -7.81 23.16
C ASP B 93 0.52 -7.56 22.96
N GLU B 94 0.14 -7.22 21.73
CA GLU B 94 -1.21 -6.79 21.45
C GLU B 94 -2.07 -7.88 20.84
N LEU B 95 -1.50 -9.01 20.43
CA LEU B 95 -2.25 -9.98 19.65
C LEU B 95 -1.59 -11.33 19.71
N SER B 96 -2.37 -12.35 20.00
CA SER B 96 -1.88 -13.71 20.03
C SER B 96 -2.84 -14.59 19.27
N ILE B 97 -2.24 -15.44 18.43
CA ILE B 97 -2.98 -16.40 17.68
C ILE B 97 -2.29 -17.75 17.80
N LEU B 98 -3.04 -18.81 18.10
CA LEU B 98 -2.53 -20.20 18.11
C LEU B 98 -3.42 -21.00 17.19
N GLY B 99 -2.81 -21.68 16.23
CA GLY B 99 -3.55 -22.58 15.35
C GLY B 99 -3.08 -24.07 15.41
N TYR B 100 -4.04 -24.98 15.35
CA TYR B 100 -3.76 -26.39 15.48
C TYR B 100 -4.95 -27.12 14.89
N LYS B 101 -4.72 -28.38 14.54
CA LYS B 101 -5.75 -29.19 13.90
C LYS B 101 -6.78 -29.51 14.93
N GLU B 102 -8.02 -29.35 14.52
CA GLU B 102 -9.16 -29.60 15.39
C GLU B 102 -9.13 -31.06 15.82
N ILE B 103 -9.24 -31.30 17.11
CA ILE B 103 -9.46 -32.66 17.58
C ILE B 103 -10.93 -33.00 17.42
N LYS B 104 -11.23 -34.09 16.72
CA LYS B 104 -12.61 -34.45 16.41
C LYS B 104 -13.21 -35.23 17.56
N GLY B 105 -14.47 -34.96 17.85
CA GLY B 105 -15.20 -35.66 18.88
C GLY B 105 -16.34 -34.80 19.37
N THR B 106 -16.96 -35.24 20.46
CA THR B 106 -18.15 -34.60 21.04
C THR B 106 -17.80 -34.29 22.49
N PHE B 107 -18.11 -33.07 22.89
CA PHE B 107 -17.81 -32.66 24.26
C PHE B 107 -18.65 -33.37 25.27
N LEU B 108 -18.03 -33.79 26.35
CA LEU B 108 -18.75 -34.44 27.46
C LEU B 108 -19.72 -33.48 28.09
N THR B 109 -20.94 -33.93 28.34
CA THR B 109 -21.91 -33.16 29.11
C THR B 109 -22.57 -34.10 30.10
N PRO B 110 -23.24 -33.58 31.12
CA PRO B 110 -24.06 -34.42 32.02
C PRO B 110 -25.11 -35.28 31.31
N GLU B 111 -25.77 -34.69 30.33
CA GLU B 111 -26.81 -35.39 29.60
C GLU B 111 -26.17 -36.60 28.91
N ILE B 112 -25.07 -36.40 28.20
CA ILE B 112 -24.42 -37.52 27.51
C ILE B 112 -23.96 -38.59 28.53
N TYR B 113 -23.41 -38.15 29.64
CA TYR B 113 -22.91 -39.11 30.63
C TYR B 113 -24.04 -40.01 31.06
N SER B 114 -25.21 -39.43 31.25
CA SER B 114 -26.32 -40.19 31.78
C SER B 114 -26.83 -41.25 30.77
N THR B 115 -26.51 -41.11 29.48
CA THR B 115 -26.87 -42.12 28.48
C THR B 115 -25.75 -43.16 28.29
N MET B 116 -24.60 -42.97 28.92
CA MET B 116 -23.57 -43.98 28.81
C MET B 116 -23.92 -45.19 29.66
N SER B 117 -23.57 -46.37 29.19
CA SER B 117 -23.68 -47.59 29.99
C SER B 117 -22.77 -47.47 31.20
N GLU B 118 -23.08 -48.23 32.23
CA GLU B 118 -22.27 -48.22 33.44
C GLU B 118 -20.79 -48.55 33.14
N GLU B 119 -20.57 -49.53 32.25
CA GLU B 119 -19.22 -49.91 31.79
C GLU B 119 -18.56 -48.71 31.06
N GLU B 120 -19.28 -48.00 30.18
CA GLU B 120 -18.71 -46.80 29.56
C GLU B 120 -18.33 -45.72 30.56
N GLN B 121 -19.15 -45.53 31.56
CA GLN B 121 -18.86 -44.54 32.55
C GLN B 121 -17.59 -44.92 33.31
N ASN B 122 -17.51 -46.17 33.72
CA ASN B 122 -16.36 -46.62 34.47
C ASN B 122 -15.07 -46.43 33.66
N LEU B 123 -15.12 -46.71 32.36
CA LEU B 123 -13.94 -46.56 31.50
C LEU B 123 -13.54 -45.08 31.35
N LEU B 124 -14.53 -44.20 31.20
CA LEU B 124 -14.27 -42.79 31.16
C LEU B 124 -13.59 -42.28 32.46
N LYS B 125 -14.08 -42.71 33.62
CA LYS B 125 -13.45 -42.35 34.85
C LYS B 125 -12.03 -42.88 34.97
N ARG B 126 -11.80 -44.11 34.56
CA ARG B 126 -10.45 -44.63 34.56
C ARG B 126 -9.56 -43.85 33.57
N ASP B 127 -10.07 -43.49 32.40
CA ASP B 127 -9.27 -42.78 31.43
C ASP B 127 -8.85 -41.41 31.97
N ILE B 128 -9.77 -40.75 32.66
CA ILE B 128 -9.48 -39.47 33.24
C ILE B 128 -8.43 -39.56 34.35
N ALA B 129 -8.61 -40.51 35.26
CA ALA B 129 -7.68 -40.68 36.35
C ALA B 129 -6.31 -40.99 35.78
N SER B 130 -6.28 -41.78 34.75
CA SER B 130 -5.01 -42.19 34.19
C SER B 130 -4.31 -41.05 33.44
N PHE B 131 -5.08 -40.19 32.74
CA PHE B 131 -4.47 -39.02 32.12
C PHE B 131 -3.89 -38.07 33.19
N LEU B 132 -4.67 -37.82 34.24
CA LEU B 132 -4.24 -36.92 35.27
C LEU B 132 -3.00 -37.46 36.01
N ARG B 133 -2.95 -38.77 36.25
CA ARG B 133 -1.84 -39.37 36.97
CA ARG B 133 -1.82 -39.37 36.97
C ARG B 133 -0.59 -39.14 36.13
N GLN B 134 -0.72 -39.38 34.84
CA GLN B 134 0.43 -39.20 34.01
C GLN B 134 0.88 -37.72 33.94
N MET B 135 -0.06 -36.77 33.79
CA MET B 135 0.36 -35.39 33.65
C MET B 135 0.93 -34.87 34.96
N HIS B 136 0.29 -35.21 36.07
CA HIS B 136 0.74 -34.77 37.35
C HIS B 136 2.07 -35.37 37.76
N GLY B 137 2.43 -36.49 37.17
CA GLY B 137 3.73 -37.18 37.45
C GLY B 137 4.89 -36.64 36.58
N LEU B 138 4.66 -35.75 35.62
CA LEU B 138 5.74 -35.33 34.79
C LEU B 138 6.75 -34.46 35.53
N ASP B 139 8.02 -34.68 35.20
CA ASP B 139 9.12 -33.78 35.63
C ASP B 139 8.91 -32.44 34.89
N TYR B 140 8.68 -31.36 35.62
CA TYR B 140 8.30 -30.06 35.01
C TYR B 140 9.46 -29.06 34.96
N THR B 141 10.68 -29.56 35.11
CA THR B 141 11.87 -28.68 35.13
C THR B 141 11.94 -27.76 33.89
N ASP B 142 11.61 -28.30 32.73
CA ASP B 142 11.74 -27.56 31.51
C ASP B 142 10.68 -26.48 31.32
N ILE B 143 9.64 -26.45 32.14
CA ILE B 143 8.71 -25.34 32.12
C ILE B 143 8.61 -24.75 33.51
N SER B 144 9.71 -24.70 34.24
CA SER B 144 9.62 -24.36 35.65
C SER B 144 9.20 -22.91 35.93
N GLU B 145 9.27 -22.06 34.90
CA GLU B 145 8.78 -20.69 35.01
C GLU B 145 7.24 -20.63 35.06
N CYS B 146 6.52 -21.67 34.65
CA CYS B 146 5.07 -21.62 34.61
C CYS B 146 4.39 -21.97 35.95
N THR B 147 4.88 -21.42 37.05
CA THR B 147 4.26 -21.62 38.36
C THR B 147 3.11 -20.70 38.57
N ILE B 148 2.18 -21.16 39.35
CA ILE B 148 1.06 -20.36 39.68
C ILE B 148 0.88 -20.51 41.17
N ASP B 149 0.75 -19.38 41.86
CA ASP B 149 0.54 -19.37 43.30
C ASP B 149 -0.85 -18.72 43.55
N ASN B 150 -1.86 -19.53 43.77
CA ASN B 150 -3.21 -19.03 43.84
C ASN B 150 -3.45 -18.09 45.05
N LYS B 151 -2.89 -18.46 46.19
CA LYS B 151 -3.01 -17.63 47.37
C LYS B 151 -2.43 -16.23 47.16
N GLN B 152 -1.24 -16.15 46.61
CA GLN B 152 -0.59 -14.88 46.35
C GLN B 152 -1.38 -14.09 45.28
N ASN B 153 -1.93 -14.77 44.29
CA ASN B 153 -2.78 -14.10 43.31
C ASN B 153 -3.98 -13.43 43.97
N VAL B 154 -4.60 -14.14 44.89
CA VAL B 154 -5.74 -13.61 45.58
C VAL B 154 -5.33 -12.40 46.43
N LEU B 155 -4.24 -12.51 47.16
CA LEU B 155 -3.76 -11.41 47.88
C LEU B 155 -3.56 -10.19 47.01
N GLU B 156 -2.95 -10.32 45.85
CA GLU B 156 -2.76 -9.19 44.96
C GLU B 156 -4.07 -8.64 44.43
N GLU B 157 -5.06 -9.51 44.24
CA GLU B 157 -6.38 -9.07 43.86
C GLU B 157 -7.09 -8.32 44.99
N TYR B 158 -6.87 -8.75 46.21
CA TYR B 158 -7.43 -8.06 47.37
C TYR B 158 -6.82 -6.72 47.50
N ILE B 159 -5.52 -6.59 47.30
CA ILE B 159 -4.88 -5.29 47.37
C ILE B 159 -5.45 -4.35 46.30
N LEU B 160 -5.64 -4.86 45.09
CA LEU B 160 -6.29 -4.07 44.07
C LEU B 160 -7.70 -3.57 44.49
N LEU B 161 -8.49 -4.44 45.12
CA LEU B 161 -9.76 -4.00 45.66
C LEU B 161 -9.61 -2.87 46.65
N ARG B 162 -8.63 -3.00 47.56
CA ARG B 162 -8.39 -1.99 48.54
C ARG B 162 -8.00 -0.67 47.88
N GLU B 163 -7.31 -0.74 46.77
CA GLU B 163 -6.87 0.45 46.04
C GLU B 163 -7.93 1.10 45.20
N THR B 164 -9.06 0.43 45.03
CA THR B 164 -10.09 0.90 44.09
C THR B 164 -11.40 1.06 44.77
N ILE B 165 -12.21 0.03 44.79
CA ILE B 165 -13.59 0.25 45.24
C ILE B 165 -13.95 -0.20 46.65
N TYR B 166 -13.01 -0.77 47.38
CA TYR B 166 -13.36 -1.43 48.63
C TYR B 166 -14.11 -0.52 49.56
N ASN B 167 -13.69 0.74 49.67
CA ASN B 167 -14.32 1.64 50.62
C ASN B 167 -15.73 2.00 50.30
N ASP B 168 -16.14 1.84 49.05
CA ASP B 168 -17.51 2.04 48.67
C ASP B 168 -18.40 0.84 48.78
N LEU B 169 -17.86 -0.31 49.19
CA LEU B 169 -18.68 -1.51 49.29
C LEU B 169 -19.52 -1.45 50.54
N THR B 170 -20.60 -2.21 50.57
CA THR B 170 -21.48 -2.26 51.75
C THR B 170 -20.86 -3.12 52.84
N ASP B 171 -21.39 -3.04 54.03
CA ASP B 171 -20.90 -3.84 55.12
C ASP B 171 -21.08 -5.33 54.81
N ILE B 172 -22.20 -5.71 54.23
CA ILE B 172 -22.41 -7.09 53.83
C ILE B 172 -21.38 -7.57 52.83
N GLU B 173 -21.00 -6.71 51.87
CA GLU B 173 -20.04 -7.08 50.87
C GLU B 173 -18.68 -7.22 51.55
N LYS B 174 -18.32 -6.23 52.36
CA LYS B 174 -17.04 -6.26 53.04
C LYS B 174 -16.92 -7.48 53.91
N ASP B 175 -17.99 -7.86 54.61
CA ASP B 175 -17.94 -9.01 55.47
C ASP B 175 -17.75 -10.31 54.69
N TYR B 176 -18.40 -10.44 53.54
CA TYR B 176 -18.21 -11.61 52.72
C TYR B 176 -16.72 -11.72 52.33
N ILE B 177 -16.15 -10.59 51.91
CA ILE B 177 -14.80 -10.59 51.51
C ILE B 177 -13.81 -10.91 52.66
N GLU B 178 -13.97 -10.28 53.81
CA GLU B 178 -13.07 -10.48 54.93
C GLU B 178 -13.17 -11.91 55.42
N SER B 179 -14.35 -12.44 55.40
CA SER B 179 -14.54 -13.77 55.83
C SER B 179 -13.80 -14.75 54.89
N PHE B 180 -13.85 -14.49 53.60
CA PHE B 180 -13.09 -15.28 52.67
C PHE B 180 -11.56 -15.13 52.96
N MET B 181 -11.06 -13.91 53.19
CA MET B 181 -9.64 -13.69 53.44
C MET B 181 -9.20 -14.38 54.70
N GLU B 182 -10.05 -14.44 55.70
CA GLU B 182 -9.68 -15.14 56.93
C GLU B 182 -9.57 -16.65 56.69
N ARG B 183 -10.51 -17.19 55.93
CA ARG B 183 -10.44 -18.57 55.60
C ARG B 183 -9.17 -18.88 54.75
N LEU B 184 -8.87 -18.02 53.81
CA LEU B 184 -7.67 -18.16 53.01
C LEU B 184 -6.39 -18.21 53.84
N ASN B 185 -6.35 -17.43 54.90
CA ASN B 185 -5.19 -17.34 55.70
C ASN B 185 -5.05 -18.53 56.61
N ALA B 186 -6.16 -19.18 56.96
CA ALA B 186 -6.11 -20.29 57.90
C ALA B 186 -6.00 -21.62 57.20
N THR B 187 -6.40 -21.71 55.94
CA THR B 187 -6.44 -23.03 55.31
C THR B 187 -5.07 -23.67 55.17
N THR B 188 -5.06 -24.98 55.14
CA THR B 188 -3.83 -25.72 54.84
C THR B 188 -3.80 -26.28 53.40
N VAL B 189 -4.85 -26.05 52.59
CA VAL B 189 -4.92 -26.78 51.32
C VAL B 189 -3.91 -26.35 50.29
N PHE B 190 -3.12 -25.32 50.55
CA PHE B 190 -2.04 -24.95 49.60
C PHE B 190 -0.69 -25.59 49.93
N GLU B 191 -0.64 -26.51 50.88
CA GLU B 191 0.64 -26.94 51.42
C GLU B 191 0.95 -28.35 50.97
N GLY B 192 0.24 -28.84 49.96
CA GLY B 192 0.45 -30.16 49.46
C GLY B 192 1.32 -30.16 48.21
N LYS B 193 1.27 -31.28 47.53
CA LYS B 193 1.99 -31.49 46.31
C LYS B 193 1.64 -30.49 45.19
N LYS B 194 2.71 -29.99 44.55
CA LYS B 194 2.66 -29.14 43.41
C LYS B 194 3.02 -29.94 42.18
N CYS B 195 2.34 -29.69 41.07
CA CYS B 195 2.63 -30.37 39.88
C CYS B 195 2.00 -29.67 38.73
N LEU B 196 2.35 -30.09 37.53
CA LEU B 196 1.72 -29.52 36.33
C LEU B 196 0.25 -29.95 36.23
N CYS B 197 -0.66 -28.98 36.25
CA CYS B 197 -2.09 -29.22 36.14
C CYS B 197 -2.69 -28.53 34.96
N HIS B 198 -3.75 -29.12 34.44
CA HIS B 198 -4.50 -28.53 33.38
C HIS B 198 -5.06 -27.18 33.87
N ASN B 199 -5.67 -27.24 35.04
CA ASN B 199 -6.17 -26.07 35.80
C ASN B 199 -7.42 -25.41 35.27
N ASP B 200 -8.12 -26.09 34.39
CA ASP B 200 -9.47 -25.67 34.01
C ASP B 200 -10.22 -26.90 33.53
N PHE B 201 -10.18 -27.95 34.34
CA PHE B 201 -10.46 -29.29 33.90
C PHE B 201 -11.94 -29.62 34.11
N SER B 202 -12.75 -29.04 33.25
CA SER B 202 -14.19 -29.13 33.31
C SER B 202 -14.66 -29.91 32.12
N CYS B 203 -15.90 -30.35 32.12
CA CYS B 203 -16.25 -31.29 31.07
C CYS B 203 -16.43 -30.68 29.68
N ASN B 204 -16.58 -29.36 29.59
CA ASN B 204 -16.54 -28.71 28.28
C ASN B 204 -15.14 -28.67 27.62
N HIS B 205 -14.15 -29.25 28.28
CA HIS B 205 -12.85 -29.38 27.66
C HIS B 205 -12.46 -30.84 27.42
N LEU B 206 -13.39 -31.77 27.63
CA LEU B 206 -13.14 -33.15 27.45
C LEU B 206 -13.93 -33.69 26.28
N LEU B 207 -13.24 -34.29 25.32
CA LEU B 207 -13.84 -34.79 24.09
C LEU B 207 -13.93 -36.30 24.10
N LEU B 208 -15.07 -36.81 23.64
CA LEU B 208 -15.32 -38.23 23.52
C LEU B 208 -15.36 -38.65 22.07
N ASP B 209 -14.92 -39.87 21.77
CA ASP B 209 -15.06 -40.41 20.38
C ASP B 209 -16.41 -41.07 20.23
N GLY B 210 -16.66 -41.70 19.07
CA GLY B 210 -17.94 -42.37 18.81
C GLY B 210 -18.25 -43.58 19.69
N ASN B 211 -17.25 -44.12 20.40
CA ASN B 211 -17.51 -45.16 21.42
C ASN B 211 -17.55 -44.60 22.88
N ASN B 212 -17.67 -43.29 23.04
CA ASN B 212 -17.75 -42.66 24.38
C ASN B 212 -16.53 -42.82 25.22
N ARG B 213 -15.38 -43.00 24.57
CA ARG B 213 -14.11 -43.01 25.27
C ARG B 213 -13.54 -41.60 25.19
N LEU B 214 -12.73 -41.24 26.19
CA LEU B 214 -12.00 -40.01 26.19
C LEU B 214 -11.02 -40.02 25.04
N THR B 215 -11.15 -39.06 24.15
CA THR B 215 -10.31 -39.03 22.97
C THR B 215 -9.46 -37.77 22.88
N GLY B 216 -9.90 -36.70 23.52
CA GLY B 216 -9.11 -35.48 23.56
C GLY B 216 -9.44 -34.56 24.70
N ILE B 217 -8.46 -33.70 24.98
CA ILE B 217 -8.54 -32.69 26.03
C ILE B 217 -7.98 -31.38 25.46
N ILE B 218 -8.74 -30.29 25.61
CA ILE B 218 -8.37 -29.00 25.08
C ILE B 218 -8.18 -27.95 26.14
N ASP B 219 -7.74 -26.77 25.69
CA ASP B 219 -7.63 -25.58 26.51
C ASP B 219 -6.79 -25.76 27.75
N PHE B 220 -5.49 -25.85 27.55
CA PHE B 220 -4.51 -25.81 28.63
C PHE B 220 -4.08 -24.33 28.86
N GLY B 221 -4.95 -23.37 28.56
CA GLY B 221 -4.67 -21.94 28.65
C GLY B 221 -4.46 -21.41 30.05
N ASP B 222 -4.89 -22.16 31.07
CA ASP B 222 -4.62 -21.75 32.43
C ASP B 222 -3.65 -22.69 33.14
N SER B 223 -3.03 -23.62 32.42
CA SER B 223 -2.19 -24.65 33.05
C SER B 223 -0.96 -24.05 33.63
N GLY B 224 -0.45 -24.75 34.62
CA GLY B 224 0.80 -24.41 35.20
C GLY B 224 1.12 -25.33 36.35
N ILE B 225 2.19 -25.00 37.06
CA ILE B 225 2.64 -25.77 38.17
C ILE B 225 1.94 -25.18 39.40
N ILE B 226 1.12 -25.99 40.02
CA ILE B 226 0.15 -25.50 40.99
C ILE B 226 -0.27 -26.69 41.82
N ASP B 227 -1.10 -26.48 42.82
CA ASP B 227 -1.58 -27.58 43.65
C ASP B 227 -2.25 -28.71 42.84
N GLU B 228 -1.80 -29.91 43.11
CA GLU B 228 -2.43 -31.11 42.61
C GLU B 228 -3.98 -31.11 42.72
N TYR B 229 -4.51 -30.55 43.81
CA TYR B 229 -5.96 -30.46 43.98
C TYR B 229 -6.71 -29.73 42.87
N CYS B 230 -6.03 -28.83 42.16
CA CYS B 230 -6.67 -27.99 41.19
C CYS B 230 -7.45 -28.74 40.11
N ASP B 231 -6.96 -29.89 39.70
CA ASP B 231 -7.53 -30.55 38.60
C ASP B 231 -8.74 -31.35 39.00
N PHE B 232 -9.17 -31.24 40.27
CA PHE B 232 -10.36 -31.89 40.71
C PHE B 232 -11.52 -30.95 41.04
N ILE B 233 -11.30 -29.68 40.87
CA ILE B 233 -12.27 -28.68 41.26
C ILE B 233 -13.59 -28.81 40.51
N TYR B 234 -13.53 -29.10 39.22
CA TYR B 234 -14.78 -29.19 38.44
C TYR B 234 -15.36 -30.57 38.50
N LEU B 235 -14.50 -31.55 38.63
CA LEU B 235 -14.97 -32.95 38.74
C LEU B 235 -15.66 -33.14 40.03
N LEU B 236 -15.36 -32.31 41.03
CA LEU B 236 -16.08 -32.33 42.29
C LEU B 236 -17.30 -31.41 42.35
N GLU B 237 -17.55 -30.62 41.30
CA GLU B 237 -18.57 -29.58 41.38
C GLU B 237 -19.96 -30.15 41.17
N ASP B 238 -20.89 -29.65 41.95
CA ASP B 238 -22.29 -30.00 41.84
C ASP B 238 -23.04 -28.82 41.18
N SER B 239 -23.28 -28.91 39.88
CA SER B 239 -23.95 -27.87 39.11
C SER B 239 -24.55 -28.46 37.87
N GLU B 240 -25.29 -27.65 37.16
CA GLU B 240 -25.87 -28.07 35.89
C GLU B 240 -24.85 -28.36 34.81
N GLU B 241 -23.69 -27.73 34.88
CA GLU B 241 -22.70 -27.87 33.81
C GLU B 241 -21.79 -29.09 34.04
N GLU B 242 -21.68 -29.59 35.28
CA GLU B 242 -20.74 -30.69 35.54
C GLU B 242 -21.49 -31.94 35.97
N ILE B 243 -20.82 -33.07 35.95
CA ILE B 243 -21.46 -34.34 36.14
C ILE B 243 -21.88 -34.58 37.56
N GLY B 244 -21.02 -34.28 38.52
CA GLY B 244 -21.45 -34.34 39.92
C GLY B 244 -20.36 -34.80 40.86
N THR B 245 -20.55 -34.53 42.14
CA THR B 245 -19.56 -34.78 43.17
C THR B 245 -19.10 -36.24 43.23
N ASN B 246 -20.03 -37.16 43.02
CA ASN B 246 -19.78 -38.59 42.99
C ASN B 246 -18.88 -39.08 41.85
N PHE B 247 -19.01 -38.45 40.69
CA PHE B 247 -18.09 -38.59 39.56
C PHE B 247 -16.65 -38.26 39.98
N GLY B 248 -16.45 -37.08 40.54
CA GLY B 248 -15.08 -36.65 40.98
C GLY B 248 -14.53 -37.53 42.12
N GLU B 249 -15.40 -37.93 43.03
CA GLU B 249 -14.99 -38.79 44.12
C GLU B 249 -14.48 -40.12 43.60
N ASP B 250 -15.18 -40.71 42.64
CA ASP B 250 -14.77 -42.00 42.10
C ASP B 250 -13.44 -41.88 41.38
N ILE B 251 -13.29 -40.78 40.63
CA ILE B 251 -12.09 -40.53 39.93
C ILE B 251 -10.92 -40.33 40.91
N LEU B 252 -11.17 -39.62 41.99
CA LEU B 252 -10.17 -39.42 43.04
C LEU B 252 -9.72 -40.77 43.66
N ARG B 253 -10.64 -41.67 43.87
CA ARG B 253 -10.28 -42.98 44.33
C ARG B 253 -9.49 -43.78 43.32
N MET B 254 -9.84 -43.73 42.05
CA MET B 254 -9.05 -44.41 41.04
C MET B 254 -7.66 -43.77 40.96
N TYR B 255 -7.57 -42.45 41.09
CA TYR B 255 -6.29 -41.76 40.92
C TYR B 255 -5.35 -42.16 42.05
N GLY B 256 -5.87 -42.17 43.29
CA GLY B 256 -5.20 -42.68 44.49
C GLY B 256 -4.25 -41.67 45.13
N ASN B 257 -3.87 -41.92 46.36
CA ASN B 257 -2.87 -41.15 47.06
C ASN B 257 -3.18 -39.67 47.10
N ILE B 258 -4.42 -39.34 47.43
CA ILE B 258 -4.80 -37.97 47.54
C ILE B 258 -5.90 -37.83 48.54
N ASP B 259 -5.81 -36.80 49.35
CA ASP B 259 -6.72 -36.58 50.44
C ASP B 259 -7.99 -35.97 49.85
N ILE B 260 -9.04 -36.76 49.81
CA ILE B 260 -10.28 -36.36 49.17
C ILE B 260 -10.95 -35.19 49.90
N GLU B 261 -10.87 -35.16 51.21
CA GLU B 261 -11.49 -34.10 51.96
C GLU B 261 -10.82 -32.74 51.68
N LYS B 262 -9.51 -32.72 51.53
CA LYS B 262 -8.86 -31.49 51.19
C LYS B 262 -9.11 -31.06 49.74
N ALA B 263 -9.17 -32.01 48.82
CA ALA B 263 -9.60 -31.70 47.49
C ALA B 263 -10.93 -31.00 47.52
N LYS B 264 -11.84 -31.47 48.40
CA LYS B 264 -13.16 -30.83 48.50
C LYS B 264 -13.09 -29.48 49.15
N GLU B 265 -12.25 -29.35 50.17
CA GLU B 265 -12.02 -28.04 50.78
C GLU B 265 -11.51 -27.04 49.73
N TYR B 266 -10.60 -27.48 48.88
CA TYR B 266 -10.03 -26.60 47.85
C TYR B 266 -11.14 -26.15 46.88
N GLN B 267 -11.93 -27.06 46.40
CA GLN B 267 -13.04 -26.71 45.57
C GLN B 267 -14.00 -25.72 46.25
N ASP B 268 -14.28 -25.94 47.53
CA ASP B 268 -15.21 -25.09 48.24
C ASP B 268 -14.66 -23.64 48.37
N ILE B 269 -13.37 -23.53 48.63
CA ILE B 269 -12.72 -22.23 48.72
C ILE B 269 -12.77 -21.51 47.36
N VAL B 270 -12.48 -22.23 46.28
CA VAL B 270 -12.52 -21.62 44.97
C VAL B 270 -13.94 -21.20 44.68
N GLU B 271 -14.92 -21.99 45.07
CA GLU B 271 -16.30 -21.58 44.80
C GLU B 271 -16.71 -20.32 45.63
N GLU B 272 -16.23 -20.20 46.86
CA GLU B 272 -16.52 -19.05 47.67
C GLU B 272 -15.90 -17.79 47.04
N TYR B 273 -14.76 -17.96 46.41
CA TYR B 273 -14.09 -16.83 45.79
C TYR B 273 -14.79 -16.24 44.56
N TYR B 274 -15.63 -17.01 43.89
CA TYR B 274 -16.20 -16.62 42.62
C TYR B 274 -16.76 -15.21 42.47
N PRO B 275 -17.64 -14.78 43.36
CA PRO B 275 -18.11 -13.38 43.26
C PRO B 275 -17.02 -12.34 43.34
N ILE B 276 -15.97 -12.62 44.11
CA ILE B 276 -14.87 -11.65 44.31
C ILE B 276 -14.04 -11.66 43.02
N GLU B 277 -13.81 -12.85 42.49
CA GLU B 277 -13.16 -13.00 41.20
C GLU B 277 -13.90 -12.17 40.13
N THR B 278 -15.24 -12.20 40.18
CA THR B 278 -16.05 -11.50 39.21
C THR B 278 -15.88 -9.98 39.33
N ILE B 279 -15.93 -9.48 40.56
CA ILE B 279 -15.71 -8.07 40.81
C ILE B 279 -14.35 -7.61 40.31
N VAL B 280 -13.33 -8.40 40.58
CA VAL B 280 -11.96 -8.08 40.23
C VAL B 280 -11.80 -8.04 38.69
N TYR B 281 -12.40 -9.01 38.00
CA TYR B 281 -12.40 -9.01 36.56
C TYR B 281 -12.99 -7.69 36.05
N GLY B 282 -14.03 -7.17 36.71
CA GLY B 282 -14.68 -5.93 36.27
C GLY B 282 -13.82 -4.72 36.47
N ILE B 283 -13.08 -4.71 37.58
CA ILE B 283 -12.18 -3.61 37.88
C ILE B 283 -11.06 -3.57 36.87
N LYS B 284 -10.37 -4.70 36.71
CA LYS B 284 -9.20 -4.77 35.83
C LYS B 284 -9.52 -4.47 34.38
N ASN B 285 -10.72 -4.84 33.93
CA ASN B 285 -11.13 -4.69 32.54
C ASN B 285 -12.09 -3.53 32.32
N ILE B 286 -12.25 -2.71 33.35
CA ILE B 286 -13.14 -1.56 33.27
C ILE B 286 -14.49 -1.99 32.72
N LYS B 287 -15.12 -2.97 33.35
CA LYS B 287 -16.48 -3.42 32.99
C LYS B 287 -17.43 -3.45 34.17
N GLN B 288 -18.20 -2.37 34.31
CA GLN B 288 -19.01 -2.11 35.48
C GLN B 288 -19.96 -3.27 35.74
N GLU B 289 -20.45 -3.83 34.65
CA GLU B 289 -21.40 -4.91 34.69
C GLU B 289 -20.90 -6.08 35.54
N PHE B 290 -19.61 -6.39 35.45
CA PHE B 290 -19.08 -7.50 36.25
C PHE B 290 -18.98 -7.13 37.73
N ILE B 291 -18.66 -5.87 38.02
CA ILE B 291 -18.58 -5.39 39.36
C ILE B 291 -19.97 -5.53 39.99
N GLU B 292 -21.00 -5.05 39.26
CA GLU B 292 -22.38 -5.15 39.71
C GLU B 292 -22.84 -6.61 39.90
N ASN B 293 -22.53 -7.49 38.94
CA ASN B 293 -22.93 -8.90 39.03
C ASN B 293 -22.28 -9.60 40.22
N GLY B 294 -21.01 -9.31 40.50
CA GLY B 294 -20.36 -9.97 41.63
C GLY B 294 -20.96 -9.52 42.94
N ARG B 295 -21.26 -8.23 43.05
CA ARG B 295 -21.79 -7.66 44.27
C ARG B 295 -23.16 -8.22 44.53
N LYS B 296 -23.96 -8.35 43.48
CA LYS B 296 -25.30 -8.90 43.62
C LYS B 296 -25.25 -10.34 44.04
N GLU B 297 -24.28 -11.09 43.48
CA GLU B 297 -24.11 -12.50 43.80
C GLU B 297 -23.74 -12.66 45.28
N ILE B 298 -22.99 -11.72 45.82
CA ILE B 298 -22.73 -11.73 47.27
C ILE B 298 -24.04 -11.69 48.08
N TYR B 299 -24.98 -10.79 47.71
CA TYR B 299 -26.26 -10.70 48.35
C TYR B 299 -27.03 -11.99 48.16
N LYS B 300 -26.98 -12.56 46.99
CA LYS B 300 -27.69 -13.82 46.80
C LYS B 300 -27.20 -14.93 47.71
N ARG B 301 -25.90 -15.09 47.74
CA ARG B 301 -25.31 -16.07 48.63
C ARG B 301 -25.62 -15.77 50.09
N THR B 302 -25.64 -14.51 50.48
CA THR B 302 -25.84 -14.16 51.91
C THR B 302 -27.25 -14.45 52.40
N TYR B 303 -28.22 -14.28 51.51
CA TYR B 303 -29.61 -14.47 51.85
C TYR B 303 -30.12 -15.88 51.60
N LYS B 304 -29.32 -16.75 51.00
CA LYS B 304 -29.79 -18.10 50.66
C LYS B 304 -29.92 -18.92 51.94
N ASP B 305 -29.08 -18.62 52.94
CA ASP B 305 -29.32 -19.13 54.31
C ASP B 305 -29.56 -18.08 55.44
N ASN C 8 21.08 5.27 -16.23
CA ASN C 8 19.94 5.28 -17.20
C ASN C 8 18.82 4.26 -16.84
N ALA C 9 19.25 3.07 -16.46
CA ALA C 9 18.35 1.98 -16.05
C ALA C 9 17.25 2.38 -15.06
N THR C 10 17.57 3.27 -14.12
CA THR C 10 16.63 3.58 -13.02
C THR C 10 15.38 4.42 -13.44
N ASN C 11 15.57 5.36 -14.38
CA ASN C 11 14.46 6.19 -14.88
C ASN C 11 13.38 5.41 -15.53
N VAL C 12 13.87 4.52 -16.37
CA VAL C 12 13.09 3.61 -17.07
C VAL C 12 12.26 2.72 -16.15
N LYS C 13 12.85 2.22 -15.07
CA LYS C 13 12.12 1.34 -14.14
C LYS C 13 10.98 2.07 -13.45
N ALA C 14 11.27 3.29 -13.03
CA ALA C 14 10.26 4.09 -12.36
C ALA C 14 9.09 4.40 -13.30
N MET C 15 9.40 4.76 -14.54
CA MET C 15 8.34 5.13 -15.49
C MET C 15 7.58 3.89 -15.96
N LYS C 16 8.29 2.77 -16.08
CA LYS C 16 7.60 1.50 -16.34
C LYS C 16 6.59 1.23 -15.24
N TYR C 17 6.99 1.40 -13.99
CA TYR C 17 6.07 1.16 -12.89
C TYR C 17 4.84 2.09 -12.99
N LEU C 18 5.07 3.37 -13.27
CA LEU C 18 3.98 4.36 -13.30
C LEU C 18 3.00 4.11 -14.43
N ILE C 19 3.54 3.80 -15.60
CA ILE C 19 2.68 3.44 -16.73
C ILE C 19 1.79 2.25 -16.37
N GLU C 20 2.40 1.17 -15.85
CA GLU C 20 1.63 -0.03 -15.50
C GLU C 20 0.65 0.24 -14.37
N HIS C 21 0.97 1.18 -13.50
CA HIS C 21 0.10 1.49 -12.37
C HIS C 21 -1.13 2.29 -12.82
N TYR C 22 -0.92 3.29 -13.69
CA TYR C 22 -2.01 4.19 -14.11
C TYR C 22 -2.83 3.72 -15.31
N PHE C 23 -2.27 2.80 -16.11
CA PHE C 23 -2.96 2.20 -17.25
C PHE C 23 -3.08 0.70 -17.00
N ASP C 24 -4.20 0.34 -16.34
CA ASP C 24 -4.49 -1.00 -15.78
C ASP C 24 -4.03 -2.17 -16.59
N ASN C 25 -4.35 -2.18 -17.87
CA ASN C 25 -4.05 -3.40 -18.60
C ASN C 25 -2.79 -3.29 -19.44
N PHE C 26 -2.01 -2.24 -19.24
CA PHE C 26 -0.89 -2.04 -20.10
C PHE C 26 0.34 -2.76 -19.57
N LYS C 27 0.97 -3.57 -20.41
CA LYS C 27 2.16 -4.33 -20.02
C LYS C 27 3.37 -3.81 -20.74
N VAL C 28 4.39 -3.44 -20.00
CA VAL C 28 5.60 -2.88 -20.59
C VAL C 28 6.62 -4.01 -20.79
N ASP C 29 6.82 -4.45 -22.03
CA ASP C 29 7.82 -5.46 -22.32
C ASP C 29 9.17 -4.82 -22.66
N SER C 30 9.18 -3.60 -23.16
CA SER C 30 10.42 -2.85 -23.32
C SER C 30 10.13 -1.34 -23.20
N ILE C 31 11.14 -0.59 -22.78
CA ILE C 31 11.02 0.82 -22.57
C ILE C 31 12.38 1.49 -22.63
N GLU C 32 12.49 2.55 -23.42
CA GLU C 32 13.73 3.31 -23.47
C GLU C 32 13.42 4.76 -23.63
N ILE C 33 14.38 5.58 -23.25
CA ILE C 33 14.30 7.01 -23.40
C ILE C 33 14.55 7.41 -24.86
N ILE C 34 13.61 8.17 -25.43
CA ILE C 34 13.67 8.53 -26.86
C ILE C 34 13.86 10.05 -27.02
N GLY C 35 13.51 10.82 -26.00
CA GLY C 35 13.90 12.21 -25.97
C GLY C 35 13.63 12.87 -24.64
N SER C 36 14.06 14.12 -24.57
CA SER C 36 14.07 14.94 -23.37
C SER C 36 13.83 16.40 -23.67
N GLY C 37 13.12 17.06 -22.79
CA GLY C 37 13.11 18.51 -22.77
C GLY C 37 13.68 18.92 -21.45
N TYR C 38 13.47 20.17 -21.10
CA TYR C 38 14.00 20.67 -19.87
C TYR C 38 13.26 20.12 -18.63
N ASP C 39 12.01 19.82 -18.83
CA ASP C 39 11.22 19.37 -17.74
C ASP C 39 10.31 18.21 -18.18
N SER C 40 10.76 17.39 -19.14
CA SER C 40 9.95 16.28 -19.58
C SER C 40 10.83 15.16 -20.11
N VAL C 41 10.30 13.94 -20.12
CA VAL C 41 11.01 12.85 -20.76
C VAL C 41 10.04 12.01 -21.55
N ALA C 42 10.46 11.65 -22.74
CA ALA C 42 9.67 10.83 -23.63
C ALA C 42 10.32 9.46 -23.79
N TYR C 43 9.47 8.44 -23.79
CA TYR C 43 9.88 7.04 -23.79
C TYR C 43 9.21 6.31 -24.95
N LEU C 44 9.96 5.37 -25.54
CA LEU C 44 9.42 4.45 -26.50
C LEU C 44 9.19 3.14 -25.78
N VAL C 45 7.93 2.68 -25.83
CA VAL C 45 7.48 1.52 -25.12
C VAL C 45 7.00 0.44 -26.09
N ASN C 46 7.49 -0.78 -25.89
CA ASN C 46 7.17 -2.00 -26.70
C ASN C 46 7.44 -1.78 -28.17
N ASN C 47 8.41 -0.93 -28.46
CA ASN C 47 8.72 -0.49 -29.80
C ASN C 47 7.52 -0.01 -30.62
N GLU C 48 6.55 0.58 -29.95
CA GLU C 48 5.23 0.79 -30.57
C GLU C 48 4.51 2.04 -30.04
N TYR C 49 4.69 2.33 -28.76
CA TYR C 49 4.04 3.49 -28.14
C TYR C 49 5.04 4.56 -27.70
N ILE C 50 4.68 5.81 -27.91
CA ILE C 50 5.38 6.95 -27.28
C ILE C 50 4.61 7.27 -26.02
N PHE C 51 5.33 7.45 -24.92
CA PHE C 51 4.81 8.02 -23.71
C PHE C 51 5.57 9.28 -23.34
N LYS C 52 4.89 10.42 -23.44
CA LYS C 52 5.43 11.73 -23.02
C LYS C 52 5.08 11.95 -21.57
N THR C 53 6.05 12.37 -20.75
CA THR C 53 5.83 12.43 -19.30
C THR C 53 6.48 13.62 -18.71
N LYS C 54 5.87 14.11 -17.65
CA LYS C 54 6.24 15.36 -17.04
C LYS C 54 5.88 15.27 -15.58
N PHE C 55 6.77 15.70 -14.68
CA PHE C 55 6.44 15.87 -13.26
C PHE C 55 5.71 17.13 -12.84
N SER C 56 6.13 18.37 -12.82
CA SER C 56 5.03 19.29 -12.36
C SER C 56 4.94 20.60 -13.08
N THR C 57 5.96 21.42 -12.91
CA THR C 57 6.21 22.58 -13.79
C THR C 57 5.04 23.62 -13.85
N LYS C 60 1.59 24.25 -15.42
CA LYS C 60 0.25 23.76 -14.97
C LYS C 60 -0.70 23.43 -16.14
N LYS C 61 -1.42 22.30 -16.08
CA LYS C 61 -2.34 21.81 -17.17
C LYS C 61 -1.70 21.69 -18.61
N GLY C 62 -0.37 21.54 -18.64
CA GLY C 62 0.38 21.48 -19.91
C GLY C 62 -0.05 20.31 -20.78
N TYR C 63 0.00 19.07 -20.24
CA TYR C 63 -0.41 17.99 -21.05
C TYR C 63 -1.88 17.97 -21.27
N ALA C 64 -2.66 18.64 -20.45
CA ALA C 64 -4.10 18.76 -20.71
C ALA C 64 -4.40 19.47 -22.02
N LYS C 65 -3.80 20.63 -22.26
CA LYS C 65 -4.05 21.39 -23.52
C LYS C 65 -3.59 20.61 -24.73
N GLU C 66 -2.44 19.97 -24.61
CA GLU C 66 -1.88 19.28 -25.72
C GLU C 66 -2.84 18.17 -26.12
N LYS C 67 -3.37 17.47 -25.12
CA LYS C 67 -4.34 16.43 -25.38
C LYS C 67 -5.61 17.01 -26.03
N ALA C 68 -6.11 18.11 -25.52
CA ALA C 68 -7.29 18.71 -26.14
C ALA C 68 -7.05 19.10 -27.61
N ILE C 69 -5.84 19.53 -27.93
CA ILE C 69 -5.52 19.87 -29.30
C ILE C 69 -5.44 18.66 -30.21
N TYR C 70 -4.82 17.55 -29.75
CA TYR C 70 -4.82 16.35 -30.55
C TYR C 70 -6.28 15.91 -30.81
N ASN C 71 -7.12 16.00 -29.81
CA ASN C 71 -8.49 15.55 -29.95
C ASN C 71 -9.22 16.45 -30.96
N PHE C 72 -9.02 17.77 -30.89
CA PHE C 72 -9.62 18.63 -31.85
C PHE C 72 -9.10 18.35 -33.27
N LEU C 73 -7.83 18.12 -33.41
CA LEU C 73 -7.27 17.93 -34.72
C LEU C 73 -7.69 16.59 -35.33
N ASN C 74 -7.76 15.55 -34.53
CA ASN C 74 -8.07 14.22 -35.07
C ASN C 74 -9.50 14.16 -35.48
N THR C 75 -10.36 14.93 -34.82
CA THR C 75 -11.73 15.13 -35.25
C THR C 75 -11.84 15.94 -36.54
N ASN C 76 -11.06 17.00 -36.70
CA ASN C 76 -11.34 18.00 -37.76
C ASN C 76 -10.37 18.03 -38.94
N LEU C 77 -9.18 17.50 -38.81
CA LEU C 77 -8.27 17.54 -39.97
C LEU C 77 -8.63 16.46 -40.94
N GLU C 78 -8.48 16.76 -42.22
CA GLU C 78 -8.57 15.74 -43.28
C GLU C 78 -7.24 15.71 -43.99
N THR C 79 -6.41 14.73 -43.71
CA THR C 79 -5.07 14.75 -44.22
C THR C 79 -4.55 13.36 -44.15
N ASN C 80 -3.57 13.01 -44.98
CA ASN C 80 -2.91 11.71 -44.83
C ASN C 80 -1.68 11.82 -43.97
N VAL C 81 -1.33 13.03 -43.57
CA VAL C 81 -0.20 13.19 -42.63
C VAL C 81 -0.65 12.78 -41.24
N LYS C 82 0.13 11.91 -40.59
CA LYS C 82 -0.28 11.43 -39.27
C LYS C 82 0.15 12.39 -38.16
N ILE C 83 -0.68 12.47 -37.12
CA ILE C 83 -0.31 13.15 -35.90
C ILE C 83 -0.63 12.25 -34.70
N PRO C 84 -0.07 12.57 -33.52
CA PRO C 84 -0.43 11.77 -32.37
C PRO C 84 -1.90 11.59 -32.16
N ASN C 85 -2.26 10.38 -31.81
CA ASN C 85 -3.63 10.10 -31.44
C ASN C 85 -3.63 9.46 -30.06
N ILE C 86 -4.13 10.21 -29.08
CA ILE C 86 -3.92 9.84 -27.69
C ILE C 86 -4.79 8.67 -27.27
N GLU C 87 -4.19 7.57 -26.86
CA GLU C 87 -4.96 6.42 -26.34
C GLU C 87 -4.88 6.35 -24.82
N TYR C 88 -3.82 6.87 -24.22
CA TYR C 88 -3.63 6.78 -22.78
C TYR C 88 -3.29 8.15 -22.23
N SER C 89 -3.94 8.55 -21.17
CA SER C 89 -3.56 9.77 -20.55
C SER C 89 -3.83 9.69 -19.08
N TYR C 90 -2.94 10.30 -18.33
CA TYR C 90 -3.11 10.53 -16.91
C TYR C 90 -2.62 11.96 -16.66
N ILE C 91 -3.51 12.78 -16.14
CA ILE C 91 -3.24 14.16 -15.90
C ILE C 91 -3.60 14.43 -14.44
N SER C 92 -2.59 14.82 -13.66
CA SER C 92 -2.73 15.27 -12.30
C SER C 92 -1.81 16.45 -12.11
N ASP C 93 -1.96 17.11 -10.98
CA ASP C 93 -1.11 18.24 -10.68
C ASP C 93 0.39 17.92 -10.64
N GLU C 94 0.74 16.76 -10.14
CA GLU C 94 2.14 16.41 -9.96
C GLU C 94 2.70 15.55 -11.11
N LEU C 95 1.86 15.07 -12.01
CA LEU C 95 2.32 14.10 -13.00
C LEU C 95 1.39 14.01 -14.17
N SER C 96 1.95 14.11 -15.35
CA SER C 96 1.17 13.98 -16.58
C SER C 96 1.89 13.01 -17.49
N ILE C 97 1.09 12.14 -18.10
CA ILE C 97 1.54 11.19 -19.06
C ILE C 97 0.57 11.17 -20.25
N LEU C 98 1.10 11.23 -21.47
CA LEU C 98 0.31 11.02 -22.69
C LEU C 98 0.93 9.89 -23.45
N GLY C 99 0.12 8.92 -23.83
CA GLY C 99 0.60 7.84 -24.67
C GLY C 99 -0.16 7.66 -25.98
N TYR C 100 0.59 7.34 -27.03
CA TYR C 100 0.01 7.20 -28.35
C TYR C 100 0.94 6.34 -29.17
N LYS C 101 0.41 5.79 -30.25
CA LYS C 101 1.21 4.94 -31.13
C LYS C 101 2.24 5.78 -31.83
N GLU C 102 3.48 5.29 -31.80
CA GLU C 102 4.62 5.95 -32.42
C GLU C 102 4.38 6.05 -33.89
N ILE C 103 4.48 7.25 -34.41
CA ILE C 103 4.41 7.41 -35.86
C ILE C 103 5.75 7.02 -36.39
N LYS C 104 5.79 6.06 -37.31
CA LYS C 104 7.05 5.54 -37.81
C LYS C 104 7.63 6.42 -38.90
N GLY C 105 8.96 6.57 -38.88
CA GLY C 105 9.62 7.34 -39.88
C GLY C 105 10.95 7.85 -39.35
N THR C 106 11.52 8.79 -40.09
CA THR C 106 12.85 9.37 -39.82
C THR C 106 12.64 10.89 -39.80
N PHE C 107 13.19 11.55 -38.78
CA PHE C 107 13.05 13.00 -38.64
C PHE C 107 13.84 13.70 -39.71
N LEU C 108 13.21 14.71 -40.29
CA LEU C 108 13.84 15.55 -41.30
C LEU C 108 15.02 16.32 -40.72
N THR C 109 16.15 16.30 -41.42
CA THR C 109 17.31 17.08 -41.03
C THR C 109 17.85 17.76 -42.28
N PRO C 110 18.66 18.80 -42.12
CA PRO C 110 19.41 19.37 -43.26
C PRO C 110 20.23 18.37 -44.08
N GLU C 111 20.91 17.45 -43.41
CA GLU C 111 21.67 16.42 -44.11
C GLU C 111 20.80 15.61 -45.02
N ILE C 112 19.73 15.07 -44.47
CA ILE C 112 18.86 14.27 -45.26
C ILE C 112 18.26 15.06 -46.45
N TYR C 113 17.84 16.29 -46.19
CA TYR C 113 17.26 17.11 -47.23
C TYR C 113 18.24 17.22 -48.40
N SER C 114 19.51 17.39 -48.08
CA SER C 114 20.50 17.61 -49.11
C SER C 114 20.75 16.35 -49.97
N THR C 115 20.40 15.16 -49.49
CA THR C 115 20.46 13.96 -50.30
C THR C 115 19.15 13.69 -51.08
N MET C 116 18.08 14.44 -50.85
CA MET C 116 16.83 14.19 -51.60
C MET C 116 16.98 14.73 -53.03
N SER C 117 16.37 14.05 -54.00
CA SER C 117 16.28 14.60 -55.36
C SER C 117 15.50 15.89 -55.35
N GLU C 118 15.66 16.66 -56.40
CA GLU C 118 14.87 17.88 -56.56
C GLU C 118 13.35 17.59 -56.46
N GLU C 119 12.90 16.52 -57.12
CA GLU C 119 11.48 16.14 -57.12
C GLU C 119 11.05 15.81 -55.68
N GLU C 120 11.85 15.04 -54.95
CA GLU C 120 11.54 14.78 -53.56
C GLU C 120 11.46 16.06 -52.71
N GLN C 121 12.39 17.00 -52.94
CA GLN C 121 12.35 18.23 -52.18
C GLN C 121 11.10 19.03 -52.47
N ASN C 122 10.74 19.13 -53.75
CA ASN C 122 9.53 19.89 -54.09
C ASN C 122 8.30 19.30 -53.46
N LEU C 123 8.21 17.97 -53.44
CA LEU C 123 7.03 17.32 -52.92
C LEU C 123 6.93 17.61 -51.46
N LEU C 124 8.07 17.53 -50.78
CA LEU C 124 8.08 17.78 -49.33
C LEU C 124 7.59 19.21 -49.03
N LYS C 125 8.10 20.19 -49.76
CA LYS C 125 7.66 21.53 -49.59
C LYS C 125 6.18 21.65 -49.85
N ARG C 126 5.69 21.01 -50.88
CA ARG C 126 4.29 21.07 -51.19
C ARG C 126 3.47 20.41 -50.11
N ASP C 127 3.92 19.28 -49.59
CA ASP C 127 3.19 18.63 -48.52
C ASP C 127 3.10 19.53 -47.25
N ILE C 128 4.20 20.20 -46.93
CA ILE C 128 4.22 21.05 -45.74
C ILE C 128 3.25 22.23 -45.92
N ALA C 129 3.33 22.90 -47.05
CA ALA C 129 2.48 24.00 -47.32
C ALA C 129 1.05 23.56 -47.23
N SER C 130 0.75 22.40 -47.80
CA SER C 130 -0.60 21.95 -47.82
C SER C 130 -1.12 21.59 -46.44
N PHE C 131 -0.28 20.96 -45.62
CA PHE C 131 -0.71 20.66 -44.23
C PHE C 131 -1.00 21.97 -43.45
N LEU C 132 -0.11 22.93 -43.59
CA LEU C 132 -0.28 24.18 -42.90
C LEU C 132 -1.52 24.93 -43.37
N ARG C 133 -1.80 24.89 -44.67
CA ARG C 133 -2.96 25.57 -45.23
CA ARG C 133 -2.96 25.59 -45.23
C ARG C 133 -4.20 24.95 -44.63
N GLN C 134 -4.21 23.63 -44.60
CA GLN C 134 -5.37 22.96 -44.05
C GLN C 134 -5.54 23.25 -42.54
N MET C 135 -4.48 23.17 -41.79
CA MET C 135 -4.59 23.46 -40.33
C MET C 135 -4.96 24.95 -40.04
N HIS C 136 -4.29 25.85 -40.69
CA HIS C 136 -4.59 27.28 -40.54
C HIS C 136 -6.01 27.70 -41.03
N GLY C 137 -6.63 26.91 -41.90
CA GLY C 137 -7.98 27.17 -42.38
C GLY C 137 -9.06 26.56 -41.50
N LEU C 138 -8.71 25.79 -40.47
CA LEU C 138 -9.79 25.18 -39.63
C LEU C 138 -10.58 26.22 -38.86
N ASP C 139 -11.89 26.03 -38.84
CA ASP C 139 -12.77 26.73 -37.93
C ASP C 139 -12.35 26.30 -36.50
N TYR C 140 -11.86 27.25 -35.71
CA TYR C 140 -11.31 26.92 -34.37
C TYR C 140 -12.29 27.27 -33.22
N THR C 141 -13.57 27.47 -33.53
CA THR C 141 -14.59 27.82 -32.56
C THR C 141 -14.60 26.85 -31.36
N ASP C 142 -14.45 25.55 -31.64
CA ASP C 142 -14.51 24.53 -30.59
C ASP C 142 -13.31 24.52 -29.65
N ILE C 143 -12.23 25.21 -29.99
CA ILE C 143 -11.12 25.35 -29.04
C ILE C 143 -10.81 26.82 -28.86
N SER C 144 -11.84 27.66 -28.86
CA SER C 144 -11.59 29.09 -28.94
C SER C 144 -10.91 29.67 -27.70
N GLU C 145 -10.91 28.91 -26.61
CA GLU C 145 -10.19 29.30 -25.40
C GLU C 145 -8.68 29.21 -25.55
N CYS C 146 -8.15 28.46 -26.53
CA CYS C 146 -6.70 28.25 -26.65
C CYS C 146 -6.00 29.36 -27.45
N THR C 147 -6.35 30.62 -27.20
CA THR C 147 -5.70 31.75 -27.82
C THR C 147 -4.38 32.06 -27.13
N ILE C 148 -3.48 32.57 -27.93
CA ILE C 148 -2.21 32.98 -27.41
C ILE C 148 -1.98 34.34 -28.01
N ASP C 149 -1.66 35.33 -27.19
CA ASP C 149 -1.37 36.69 -27.66
C ASP C 149 0.09 36.95 -27.30
N ASN C 150 0.98 36.77 -28.25
CA ASN C 150 2.39 36.89 -27.98
C ASN C 150 2.79 38.31 -27.57
N LYS C 151 2.24 39.31 -28.24
CA LYS C 151 2.60 40.70 -27.91
C LYS C 151 2.23 41.02 -26.49
N GLN C 152 1.01 40.70 -26.11
CA GLN C 152 0.57 40.97 -24.76
C GLN C 152 1.39 40.19 -23.71
N ASN C 153 1.71 38.92 -24.00
CA ASN C 153 2.54 38.16 -23.07
C ASN C 153 3.91 38.88 -22.85
N VAL C 154 4.49 39.40 -23.93
CA VAL C 154 5.74 40.12 -23.82
C VAL C 154 5.62 41.42 -22.98
N LEU C 155 4.57 42.20 -23.23
CA LEU C 155 4.33 43.37 -22.40
C LEU C 155 4.26 42.99 -20.92
N GLU C 156 3.53 41.93 -20.60
CA GLU C 156 3.44 41.54 -19.19
C GLU C 156 4.77 41.06 -18.62
N GLU C 157 5.55 40.42 -19.47
CA GLU C 157 6.87 39.97 -19.07
C GLU C 157 7.81 41.13 -18.83
N TYR C 158 7.71 42.18 -19.64
CA TYR C 158 8.46 43.39 -19.40
C TYR C 158 8.15 44.03 -18.06
N ILE C 159 6.89 44.10 -17.70
CA ILE C 159 6.54 44.62 -16.42
C ILE C 159 7.16 43.77 -15.29
N LEU C 160 7.05 42.45 -15.39
CA LEU C 160 7.70 41.59 -14.45
C LEU C 160 9.21 41.92 -14.30
N LEU C 161 9.90 42.11 -15.41
CA LEU C 161 11.35 42.48 -15.33
C LEU C 161 11.55 43.75 -14.55
N ARG C 162 10.75 44.77 -14.85
CA ARG C 162 10.86 46.06 -14.20
C ARG C 162 10.60 45.93 -12.70
N GLU C 163 9.73 45.01 -12.33
CA GLU C 163 9.43 44.72 -10.92
C GLU C 163 10.48 43.87 -10.20
N THR C 164 11.41 43.25 -10.90
CA THR C 164 12.31 42.27 -10.26
C THR C 164 13.74 42.68 -10.48
N ILE C 165 14.38 42.21 -11.52
CA ILE C 165 15.81 42.38 -11.64
C ILE C 165 16.28 43.52 -12.53
N TYR C 166 15.36 44.22 -13.19
CA TYR C 166 15.78 45.21 -14.17
C TYR C 166 16.79 46.19 -13.67
N ASN C 167 16.59 46.71 -12.47
CA ASN C 167 17.48 47.75 -11.95
C ASN C 167 18.91 47.23 -11.68
N ASP C 168 19.11 45.93 -11.53
CA ASP C 168 20.47 45.36 -11.40
C ASP C 168 21.18 44.97 -12.71
N LEU C 169 20.51 45.15 -13.85
CA LEU C 169 21.13 44.77 -15.11
C LEU C 169 22.13 45.80 -15.48
N THR C 170 23.04 45.46 -16.39
CA THR C 170 24.02 46.42 -16.90
C THR C 170 23.37 47.39 -17.86
N ASP C 171 24.07 48.45 -18.22
CA ASP C 171 23.52 49.40 -19.18
C ASP C 171 23.31 48.73 -20.52
N ILE C 172 24.27 47.90 -20.97
CA ILE C 172 24.12 47.18 -22.23
C ILE C 172 22.88 46.26 -22.23
N GLU C 173 22.59 45.60 -21.10
CA GLU C 173 21.43 44.72 -21.01
C GLU C 173 20.18 45.56 -21.08
N LYS C 174 20.13 46.62 -20.31
CA LYS C 174 18.99 47.50 -20.32
C LYS C 174 18.71 48.09 -21.66
N ASP C 175 19.74 48.53 -22.37
CA ASP C 175 19.55 49.08 -23.70
C ASP C 175 19.01 48.06 -24.65
N TYR C 176 19.48 46.82 -24.58
CA TYR C 176 18.97 45.78 -25.45
C TYR C 176 17.46 45.61 -25.25
N ILE C 177 17.04 45.56 -23.99
CA ILE C 177 15.68 45.40 -23.64
C ILE C 177 14.81 46.57 -24.09
N GLU C 178 15.24 47.80 -23.82
CA GLU C 178 14.44 48.96 -24.20
C GLU C 178 14.30 49.05 -25.73
N SER C 179 15.37 48.69 -26.41
CA SER C 179 15.37 48.79 -27.84
C SER C 179 14.41 47.74 -28.43
N PHE C 180 14.40 46.53 -27.84
CA PHE C 180 13.43 45.56 -28.23
C PHE C 180 11.98 46.03 -27.98
N MET C 181 11.72 46.58 -26.80
CA MET C 181 10.38 47.03 -26.47
C MET C 181 9.93 48.14 -27.43
N GLU C 182 10.85 48.99 -27.86
CA GLU C 182 10.48 50.05 -28.78
C GLU C 182 9.99 49.39 -30.09
N ARG C 183 10.76 48.42 -30.55
CA ARG C 183 10.41 47.75 -31.75
C ARG C 183 9.05 47.01 -31.63
N LEU C 184 8.88 46.33 -30.53
CA LEU C 184 7.64 45.63 -30.27
C LEU C 184 6.42 46.51 -30.26
N ASN C 185 6.54 47.68 -29.68
CA ASN C 185 5.44 48.61 -29.61
C ASN C 185 5.19 49.28 -30.99
N ALA C 186 6.17 49.32 -31.90
CA ALA C 186 5.93 49.94 -33.22
C ALA C 186 5.47 48.93 -34.31
N THR C 187 5.71 47.64 -34.13
CA THR C 187 5.57 46.70 -35.25
C THR C 187 4.14 46.46 -35.61
N THR C 188 3.93 46.10 -36.88
CA THR C 188 2.61 45.76 -37.31
C THR C 188 2.43 44.29 -37.44
N VAL C 189 3.45 43.47 -37.20
CA VAL C 189 3.32 42.06 -37.55
C VAL C 189 2.38 41.24 -36.69
N PHE C 190 1.84 41.79 -35.59
CA PHE C 190 0.82 41.09 -34.80
C PHE C 190 -0.61 41.42 -35.21
N GLU C 191 -0.79 42.12 -36.31
CA GLU C 191 -2.10 42.64 -36.67
C GLU C 191 -2.69 41.89 -37.84
N GLY C 192 -2.09 40.76 -38.22
CA GLY C 192 -2.55 39.99 -39.33
C GLY C 192 -3.43 38.86 -38.87
N LYS C 193 -3.63 37.93 -39.79
CA LYS C 193 -4.50 36.78 -39.58
C LYS C 193 -4.09 35.91 -38.41
N LYS C 194 -5.11 35.55 -37.59
CA LYS C 194 -4.98 34.64 -36.48
C LYS C 194 -5.57 33.32 -36.86
N CYS C 195 -4.96 32.23 -36.41
CA CYS C 195 -5.46 30.93 -36.72
C CYS C 195 -4.82 29.91 -35.83
N LEU C 196 -5.33 28.67 -35.86
CA LEU C 196 -4.70 27.58 -35.13
C LEU C 196 -3.35 27.19 -35.76
N CYS C 197 -2.28 27.32 -34.98
CA CYS C 197 -0.92 27.02 -35.42
C CYS C 197 -0.28 25.96 -34.55
N HIS C 198 0.60 25.15 -35.16
CA HIS C 198 1.39 24.18 -34.47
C HIS C 198 2.22 24.89 -33.42
N ASN C 199 2.88 25.97 -33.86
CA ASN C 199 3.65 26.92 -33.00
C ASN C 199 4.97 26.42 -32.47
N ASP C 200 5.48 25.33 -33.04
CA ASP C 200 6.86 24.85 -32.73
C ASP C 200 7.31 24.03 -33.94
N PHE C 201 7.13 24.61 -35.12
CA PHE C 201 7.12 23.86 -36.35
C PHE C 201 8.50 23.83 -36.97
N SER C 202 9.37 23.02 -36.37
CA SER C 202 10.76 22.91 -36.72
C SER C 202 10.99 21.54 -37.28
N CYS C 203 12.12 21.29 -37.90
CA CYS C 203 12.20 20.03 -38.64
C CYS C 203 12.41 18.81 -37.74
N ASN C 204 12.80 19.01 -36.49
CA ASN C 204 12.84 17.88 -35.54
C ASN C 204 11.43 17.41 -35.08
N HIS C 205 10.38 18.02 -35.63
CA HIS C 205 9.05 17.54 -35.44
C HIS C 205 8.40 17.00 -36.71
N LEU C 206 9.17 16.90 -37.79
CA LEU C 206 8.61 16.44 -39.07
C LEU C 206 9.20 15.11 -39.43
N LEU C 207 8.33 14.14 -39.68
CA LEU C 207 8.78 12.76 -40.01
C LEU C 207 8.58 12.48 -41.49
N LEU C 208 9.55 11.77 -42.05
CA LEU C 208 9.53 11.27 -43.44
C LEU C 208 9.42 9.76 -43.46
N ASP C 209 8.74 9.22 -44.48
CA ASP C 209 8.61 7.75 -44.65
C ASP C 209 9.78 7.31 -45.47
N GLY C 210 9.81 6.03 -45.81
CA GLY C 210 10.88 5.45 -46.58
C GLY C 210 11.02 5.96 -48.01
N ASN C 211 10.03 6.68 -48.53
CA ASN C 211 10.15 7.37 -49.81
C ASN C 211 10.42 8.90 -49.68
N ASN C 212 10.83 9.38 -48.49
CA ASN C 212 11.12 10.81 -48.23
C ASN C 212 9.94 11.73 -48.42
N ARG C 213 8.76 11.19 -48.17
CA ARG C 213 7.55 11.96 -48.16
C ARG C 213 7.21 12.30 -46.73
N LEU C 214 6.56 13.44 -46.51
CA LEU C 214 6.10 13.80 -45.19
C LEU C 214 5.06 12.82 -44.74
N THR C 215 5.33 12.16 -43.64
CA THR C 215 4.42 11.14 -43.18
C THR C 215 3.76 11.47 -41.86
N GLY C 216 4.40 12.31 -41.07
CA GLY C 216 3.87 12.66 -39.78
C GLY C 216 4.46 13.90 -39.19
N ILE C 217 3.69 14.45 -38.25
CA ILE C 217 4.08 15.68 -37.52
C ILE C 217 3.76 15.47 -36.04
N ILE C 218 4.72 15.79 -35.18
CA ILE C 218 4.58 15.58 -33.75
C ILE C 218 4.68 16.86 -32.96
N ASP C 219 4.39 16.74 -31.66
CA ASP C 219 4.58 17.75 -30.63
C ASP C 219 3.83 19.01 -30.94
N PHE C 220 2.52 18.91 -30.79
CA PHE C 220 1.64 20.08 -30.89
C PHE C 220 1.47 20.65 -29.50
N GLY C 221 2.44 20.44 -28.63
CA GLY C 221 2.34 20.90 -27.25
C GLY C 221 2.23 22.43 -27.07
N ASP C 222 2.69 23.23 -28.01
CA ASP C 222 2.63 24.71 -27.85
C ASP C 222 1.55 25.34 -28.72
N SER C 223 0.74 24.51 -29.34
CA SER C 223 -0.18 24.94 -30.30
C SER C 223 -1.33 25.76 -29.76
N GLY C 224 -1.84 26.69 -30.57
CA GLY C 224 -2.96 27.57 -30.16
C GLY C 224 -3.30 28.53 -31.26
N ILE C 225 -4.25 29.41 -30.96
CA ILE C 225 -4.76 30.33 -31.91
C ILE C 225 -3.91 31.58 -31.77
N ILE C 226 -3.19 31.92 -32.84
CA ILE C 226 -2.08 32.90 -32.78
C ILE C 226 -1.84 33.37 -34.19
N ASP C 227 -0.88 34.25 -34.38
CA ASP C 227 -0.57 34.76 -35.72
C ASP C 227 -0.15 33.67 -36.67
N GLU C 228 -0.74 33.75 -37.86
CA GLU C 228 -0.41 32.83 -38.97
C GLU C 228 1.12 32.77 -39.21
N TYR C 229 1.78 33.90 -39.05
CA TYR C 229 3.23 33.92 -39.26
C TYR C 229 4.01 32.93 -38.37
N CYS C 230 3.46 32.57 -37.22
CA CYS C 230 4.19 31.71 -36.22
C CYS C 230 4.70 30.42 -36.77
N ASP C 231 3.96 29.79 -37.66
CA ASP C 231 4.35 28.50 -38.15
C ASP C 231 5.47 28.54 -39.18
N PHE C 232 5.99 29.75 -39.49
CA PHE C 232 7.05 29.88 -40.46
C PHE C 232 8.37 30.28 -39.83
N ILE C 233 8.37 30.47 -38.52
CA ILE C 233 9.56 31.00 -37.85
C ILE C 233 10.76 30.07 -37.96
N TYR C 234 10.55 28.76 -37.95
CA TYR C 234 11.70 27.83 -38.06
C TYR C 234 12.00 27.48 -39.50
N LEU C 235 10.99 27.45 -40.34
CA LEU C 235 11.20 27.20 -41.74
C LEU C 235 11.97 28.31 -42.33
N LEU C 236 11.90 29.51 -41.75
CA LEU C 236 12.70 30.66 -42.21
C LEU C 236 14.04 30.81 -41.51
N GLU C 237 14.32 29.97 -40.54
CA GLU C 237 15.53 30.17 -39.72
C GLU C 237 16.76 29.65 -40.46
N ASP C 238 17.84 30.40 -40.33
CA ASP C 238 19.12 30.03 -40.90
C ASP C 238 20.01 29.58 -39.73
N SER C 239 20.10 28.27 -39.54
CA SER C 239 20.88 27.69 -38.47
C SER C 239 21.27 26.28 -38.87
N GLU C 240 22.14 25.68 -38.08
CA GLU C 240 22.55 24.32 -38.33
C GLU C 240 21.45 23.28 -38.18
N GLU C 241 20.42 23.59 -37.40
CA GLU C 241 19.36 22.63 -37.14
C GLU C 241 18.26 22.70 -38.19
N GLU C 242 18.13 23.82 -38.90
CA GLU C 242 17.02 23.96 -39.85
C GLU C 242 17.57 23.97 -41.28
N ILE C 243 16.71 23.75 -42.23
CA ILE C 243 17.13 23.60 -43.59
C ILE C 243 17.64 24.88 -44.17
N GLY C 244 16.90 25.96 -43.98
CA GLY C 244 17.39 27.26 -44.41
C GLY C 244 16.27 28.17 -44.87
N THR C 245 16.61 29.44 -44.98
CA THR C 245 15.69 30.47 -45.35
C THR C 245 14.98 30.20 -46.68
N ASN C 246 15.70 29.69 -47.70
CA ASN C 246 15.11 29.35 -49.04
C ASN C 246 14.02 28.33 -49.00
N PHE C 247 14.18 27.38 -48.09
CA PHE C 247 13.21 26.35 -47.86
C PHE C 247 11.91 26.99 -47.40
N GLY C 248 11.98 27.81 -46.35
CA GLY C 248 10.79 28.48 -45.83
C GLY C 248 10.19 29.43 -46.86
N GLU C 249 11.04 30.10 -47.61
CA GLU C 249 10.52 30.98 -48.68
C GLU C 249 9.72 30.25 -49.75
N ASP C 250 10.26 29.13 -50.23
CA ASP C 250 9.57 28.34 -51.27
C ASP C 250 8.24 27.82 -50.72
N ILE C 251 8.23 27.42 -49.44
CA ILE C 251 7.04 26.93 -48.80
C ILE C 251 6.02 28.02 -48.67
N LEU C 252 6.49 29.21 -48.34
CA LEU C 252 5.61 30.37 -48.24
C LEU C 252 4.97 30.71 -49.60
N ARG C 253 5.73 30.56 -50.68
CA ARG C 253 5.18 30.78 -52.01
C ARG C 253 4.16 29.76 -52.39
N MET C 254 4.40 28.51 -52.05
CA MET C 254 3.40 27.49 -52.31
C MET C 254 2.16 27.71 -51.44
N TYR C 255 2.34 28.18 -50.21
CA TYR C 255 1.22 28.32 -49.28
C TYR C 255 0.29 29.42 -49.81
N GLY C 256 0.91 30.52 -50.23
CA GLY C 256 0.24 31.63 -50.89
C GLY C 256 -0.42 32.62 -49.94
N ASN C 257 -0.70 33.78 -50.48
CA ASN C 257 -1.51 34.79 -49.84
C ASN C 257 -0.90 35.25 -48.52
N ILE C 258 0.43 35.31 -48.44
CA ILE C 258 1.09 35.72 -47.20
C ILE C 258 2.29 36.56 -47.59
N ASP C 259 2.48 37.65 -46.87
CA ASP C 259 3.51 38.57 -47.13
C ASP C 259 4.79 37.99 -46.51
N ILE C 260 5.66 37.55 -47.39
CA ILE C 260 6.86 36.85 -46.98
C ILE C 260 7.84 37.74 -46.19
N GLU C 261 7.94 39.01 -46.53
CA GLU C 261 8.81 39.88 -45.84
C GLU C 261 8.32 40.13 -44.41
N LYS C 262 7.00 40.22 -44.19
CA LYS C 262 6.50 40.34 -42.81
C LYS C 262 6.71 39.08 -42.04
N ALA C 263 6.57 37.93 -42.70
CA ALA C 263 6.88 36.66 -42.03
C ALA C 263 8.32 36.66 -41.54
N LYS C 264 9.20 37.19 -42.32
CA LYS C 264 10.60 37.28 -41.89
C LYS C 264 10.80 38.32 -40.82
N GLU C 265 10.08 39.45 -40.90
CA GLU C 265 10.14 40.45 -39.83
C GLU C 265 9.66 39.82 -38.51
N TYR C 266 8.63 39.00 -38.57
CA TYR C 266 8.13 38.32 -37.39
C TYR C 266 9.16 37.40 -36.81
N GLN C 267 9.74 36.54 -37.65
CA GLN C 267 10.78 35.64 -37.17
C GLN C 267 11.90 36.45 -36.53
N ASP C 268 12.23 37.62 -37.11
CA ASP C 268 13.39 38.39 -36.61
C ASP C 268 13.08 39.00 -35.22
N ILE C 269 11.87 39.49 -35.04
CA ILE C 269 11.45 39.98 -33.75
C ILE C 269 11.44 38.87 -32.70
N VAL C 270 10.93 37.69 -33.06
CA VAL C 270 10.95 36.56 -32.13
C VAL C 270 12.36 36.22 -31.75
N GLU C 271 13.29 36.30 -32.70
CA GLU C 271 14.64 35.86 -32.46
C GLU C 271 15.28 36.92 -31.57
N GLU C 272 14.95 38.19 -31.76
CA GLU C 272 15.49 39.28 -30.96
C GLU C 272 14.98 39.18 -29.54
N TYR C 273 13.76 38.69 -29.37
CA TYR C 273 13.25 38.48 -28.03
C TYR C 273 13.90 37.32 -27.20
N TYR C 274 14.45 36.32 -27.86
CA TYR C 274 14.87 35.10 -27.21
C TYR C 274 15.66 35.24 -25.90
N PRO C 275 16.70 36.07 -25.88
CA PRO C 275 17.42 36.26 -24.64
C PRO C 275 16.54 36.80 -23.50
N ILE C 276 15.55 37.61 -23.83
CA ILE C 276 14.74 38.20 -22.79
C ILE C 276 13.77 37.08 -22.33
N GLU C 277 13.22 36.32 -23.28
CA GLU C 277 12.41 35.19 -22.96
C GLU C 277 13.14 34.26 -21.99
N THR C 278 14.43 34.08 -22.20
CA THR C 278 15.24 33.18 -21.42
C THR C 278 15.38 33.74 -20.00
N ILE C 279 15.63 35.03 -19.89
CA ILE C 279 15.73 35.68 -18.60
C ILE C 279 14.45 35.55 -17.79
N VAL C 280 13.33 35.76 -18.46
CA VAL C 280 12.04 35.76 -17.85
C VAL C 280 11.66 34.33 -17.37
N TYR C 281 12.00 33.33 -18.16
CA TYR C 281 11.83 31.97 -17.74
C TYR C 281 12.63 31.74 -16.43
N GLY C 282 13.81 32.31 -16.32
CA GLY C 282 14.62 32.13 -15.13
C GLY C 282 14.05 32.80 -13.89
N ILE C 283 13.45 33.96 -14.07
CA ILE C 283 12.83 34.70 -13.00
C ILE C 283 11.62 33.93 -12.51
N LYS C 284 10.75 33.54 -13.44
CA LYS C 284 9.50 32.89 -13.06
C LYS C 284 9.68 31.54 -12.40
N ASN C 285 10.73 30.83 -12.79
CA ASN C 285 10.95 29.49 -12.30
C ASN C 285 12.11 29.44 -11.30
N ILE C 286 12.56 30.62 -10.88
CA ILE C 286 13.63 30.72 -9.90
C ILE C 286 14.82 29.88 -10.33
N LYS C 287 15.31 30.11 -11.56
CA LYS C 287 16.48 29.38 -12.08
C LYS C 287 17.53 30.33 -12.61
N GLN C 288 18.52 30.57 -11.79
CA GLN C 288 19.51 31.60 -12.03
C GLN C 288 20.23 31.36 -13.34
N GLU C 289 20.49 30.10 -13.62
CA GLU C 289 21.17 29.64 -14.79
C GLU C 289 20.52 30.22 -16.07
N PHE C 290 19.20 30.33 -16.12
CA PHE C 290 18.56 30.88 -17.28
C PHE C 290 18.72 32.39 -17.35
N ILE C 291 18.69 33.05 -16.19
CA ILE C 291 18.90 34.50 -16.13
C ILE C 291 20.30 34.79 -16.67
N GLU C 292 21.33 34.03 -16.21
CA GLU C 292 22.70 34.21 -16.67
C GLU C 292 22.81 33.96 -18.17
N ASN C 293 22.22 32.86 -18.68
CA ASN C 293 22.32 32.48 -20.10
C ASN C 293 21.69 33.56 -20.97
N GLY C 294 20.56 34.12 -20.55
CA GLY C 294 19.97 35.16 -21.38
C GLY C 294 20.76 36.46 -21.41
N ARG C 295 21.33 36.84 -20.26
CA ARG C 295 22.16 38.01 -20.17
C ARG C 295 23.38 37.85 -21.05
N LYS C 296 24.04 36.71 -20.97
CA LYS C 296 25.23 36.47 -21.78
C LYS C 296 24.90 36.59 -23.27
N GLU C 297 23.74 36.05 -23.64
CA GLU C 297 23.32 36.04 -25.04
C GLU C 297 23.06 37.47 -25.57
N ILE C 298 22.56 38.34 -24.70
CA ILE C 298 22.52 39.75 -25.02
C ILE C 298 23.87 40.30 -25.45
N TYR C 299 24.93 39.96 -24.70
CA TYR C 299 26.25 40.42 -25.08
C TYR C 299 26.71 39.84 -26.40
N LYS C 300 26.47 38.55 -26.60
CA LYS C 300 26.86 37.93 -27.81
C LYS C 300 26.22 38.63 -29.04
N ARG C 301 24.93 38.88 -28.93
CA ARG C 301 24.23 39.54 -29.98
C ARG C 301 24.68 41.03 -30.15
N THR C 302 24.96 41.74 -29.06
CA THR C 302 25.37 43.12 -29.18
C THR C 302 26.73 43.24 -29.93
N TYR C 303 27.63 42.28 -29.75
CA TYR C 303 28.98 42.37 -30.23
C TYR C 303 29.18 41.65 -31.55
N LYS C 304 28.13 41.03 -32.06
CA LYS C 304 28.24 40.36 -33.32
C LYS C 304 28.25 41.38 -34.47
N ASP C 305 29.05 41.12 -35.50
CA ASP C 305 28.92 41.72 -36.87
C ASP C 305 30.30 42.21 -37.31
N TYR D 5 20.15 16.46 -21.16
CA TYR D 5 19.44 15.43 -20.32
C TYR D 5 20.25 15.03 -19.08
N ASP D 6 19.55 14.98 -17.95
CA ASP D 6 20.14 14.63 -16.67
C ASP D 6 19.42 13.38 -16.09
N ASP D 7 20.05 12.20 -16.24
CA ASP D 7 19.54 10.95 -15.63
C ASP D 7 19.42 11.09 -14.10
N ASN D 8 20.28 11.94 -13.52
CA ASN D 8 20.22 12.34 -12.11
C ASN D 8 18.92 13.04 -11.66
N ALA D 9 18.71 14.29 -12.11
CA ALA D 9 17.51 15.04 -11.82
C ALA D 9 16.24 14.19 -12.00
N THR D 10 16.16 13.38 -13.06
CA THR D 10 14.91 12.66 -13.36
C THR D 10 14.56 11.48 -12.39
N ASN D 11 15.59 10.75 -11.97
CA ASN D 11 15.41 9.62 -11.05
C ASN D 11 14.86 10.06 -9.75
N VAL D 12 15.47 11.13 -9.30
CA VAL D 12 15.15 11.77 -8.08
C VAL D 12 13.69 12.25 -8.06
N LYS D 13 13.21 12.85 -9.16
CA LYS D 13 11.82 13.33 -9.24
C LYS D 13 10.83 12.19 -9.13
N ALA D 14 11.11 11.12 -9.85
CA ALA D 14 10.24 9.94 -9.81
C ALA D 14 10.14 9.35 -8.42
N MET D 15 11.29 9.22 -7.75
CA MET D 15 11.31 8.60 -6.43
C MET D 15 10.69 9.54 -5.38
N LYS D 16 10.94 10.84 -5.54
CA LYS D 16 10.28 11.81 -4.69
C LYS D 16 8.77 11.68 -4.80
N TYR D 17 8.26 11.55 -6.02
CA TYR D 17 6.85 11.37 -6.23
C TYR D 17 6.32 10.10 -5.56
N LEU D 18 7.03 8.99 -5.73
CA LEU D 18 6.61 7.72 -5.11
C LEU D 18 6.60 7.76 -3.59
N ILE D 19 7.66 8.33 -3.00
CA ILE D 19 7.74 8.43 -1.55
C ILE D 19 6.56 9.22 -1.04
N GLU D 20 6.32 10.38 -1.61
CA GLU D 20 5.24 11.24 -1.16
C GLU D 20 3.87 10.63 -1.45
N HIS D 21 3.80 9.80 -2.49
CA HIS D 21 2.54 9.11 -2.83
C HIS D 21 2.23 7.97 -1.85
N TYR D 22 3.21 7.17 -1.48
CA TYR D 22 3.01 5.97 -0.61
C TYR D 22 3.12 6.22 0.91
N PHE D 23 3.76 7.33 1.30
CA PHE D 23 3.90 7.69 2.71
C PHE D 23 3.25 9.04 2.93
N ASP D 24 2.01 8.94 3.41
CA ASP D 24 1.22 10.05 3.87
C ASP D 24 1.95 11.00 4.73
N ASN D 25 1.96 12.18 4.18
CA ASN D 25 2.40 13.33 4.83
C ASN D 25 3.92 13.30 5.02
N PHE D 26 4.64 12.43 4.30
CA PHE D 26 6.07 12.55 4.24
C PHE D 26 6.35 13.60 3.20
N LYS D 27 7.11 14.63 3.55
CA LYS D 27 7.44 15.71 2.62
C LYS D 27 8.88 15.63 2.29
N VAL D 28 9.18 15.57 0.99
CA VAL D 28 10.56 15.49 0.53
C VAL D 28 11.07 16.91 0.25
N ASP D 29 11.93 17.44 1.13
CA ASP D 29 12.52 18.75 0.90
C ASP D 29 13.81 18.59 0.13
N SER D 30 14.50 17.48 0.30
CA SER D 30 15.70 17.23 -0.51
C SER D 30 15.85 15.73 -0.70
N ILE D 31 16.47 15.37 -1.80
CA ILE D 31 16.67 13.97 -2.13
C ILE D 31 17.81 13.82 -3.09
N GLU D 32 18.75 12.94 -2.76
CA GLU D 32 19.84 12.67 -3.67
C GLU D 32 20.20 11.20 -3.64
N ILE D 33 20.81 10.76 -4.72
CA ILE D 33 21.24 9.38 -4.85
C ILE D 33 22.53 9.19 -4.03
N ILE D 34 22.55 8.18 -3.18
CA ILE D 34 23.65 7.97 -2.27
C ILE D 34 24.34 6.66 -2.64
N GLY D 35 23.63 5.75 -3.30
CA GLY D 35 24.28 4.58 -3.84
C GLY D 35 23.39 3.78 -4.76
N SER D 36 24.01 2.76 -5.35
CA SER D 36 23.39 1.93 -6.37
C SER D 36 23.84 0.49 -6.24
N GLY D 37 22.92 -0.42 -6.55
CA GLY D 37 23.30 -1.76 -6.93
C GLY D 37 22.93 -1.88 -8.40
N TYR D 38 22.95 -3.07 -8.94
CA TYR D 38 22.61 -3.12 -10.35
C TYR D 38 21.08 -3.12 -10.54
N ASP D 39 20.32 -3.36 -9.48
CA ASP D 39 18.87 -3.34 -9.58
C ASP D 39 18.24 -2.70 -8.35
N SER D 40 18.96 -1.76 -7.74
CA SER D 40 18.36 -1.00 -6.67
C SER D 40 18.97 0.40 -6.66
N VAL D 41 18.27 1.34 -6.06
CA VAL D 41 18.88 2.63 -5.83
C VAL D 41 18.56 3.05 -4.42
N ALA D 42 19.57 3.60 -3.75
CA ALA D 42 19.40 4.18 -2.46
C ALA D 42 19.57 5.73 -2.50
N TYR D 43 18.73 6.39 -1.74
CA TYR D 43 18.59 7.84 -1.70
C TYR D 43 18.74 8.35 -0.29
N LEU D 44 19.37 9.51 -0.14
CA LEU D 44 19.36 10.26 1.12
C LEU D 44 18.32 11.36 1.01
N VAL D 45 17.37 11.33 1.92
CA VAL D 45 16.22 12.24 1.88
C VAL D 45 16.21 13.13 3.12
N ASN D 46 16.03 14.43 2.89
CA ASN D 46 16.03 15.47 3.92
C ASN D 46 17.30 15.46 4.78
N ASN D 47 18.40 15.04 4.18
CA ASN D 47 19.67 14.84 4.89
C ASN D 47 19.64 14.02 6.17
N GLU D 48 18.74 13.06 6.20
CA GLU D 48 18.42 12.40 7.45
C GLU D 48 17.97 10.93 7.26
N TYR D 49 17.23 10.66 6.19
CA TYR D 49 16.67 9.32 5.94
C TYR D 49 17.31 8.63 4.74
N ILE D 50 17.65 7.36 4.89
CA ILE D 50 18.01 6.50 3.76
C ILE D 50 16.73 5.84 3.28
N PHE D 51 16.47 5.89 1.97
CA PHE D 51 15.40 5.15 1.34
C PHE D 51 16.03 4.22 0.31
N LYS D 52 15.94 2.92 0.58
CA LYS D 52 16.37 1.86 -0.34
C LYS D 52 15.18 1.52 -1.18
N THR D 53 15.37 1.42 -2.49
CA THR D 53 14.25 1.15 -3.38
C THR D 53 14.65 0.18 -4.43
N LYS D 54 13.67 -0.58 -4.87
CA LYS D 54 13.88 -1.67 -5.80
C LYS D 54 12.59 -1.86 -6.59
N PHE D 55 12.70 -1.97 -7.91
CA PHE D 55 11.59 -2.40 -8.73
C PHE D 55 11.83 -3.87 -9.00
N SER D 56 10.96 -4.76 -8.61
CA SER D 56 11.26 -6.17 -8.76
C SER D 56 10.41 -6.72 -9.90
N THR D 57 9.48 -7.63 -9.61
CA THR D 57 8.96 -8.57 -10.64
C THR D 57 7.42 -8.80 -10.69
N LYS D 60 8.24 -11.41 -3.97
CA LYS D 60 9.49 -10.87 -3.43
C LYS D 60 10.79 -11.58 -3.93
N LYS D 61 11.29 -11.05 -5.06
CA LYS D 61 12.71 -10.76 -5.24
C LYS D 61 12.86 -9.31 -4.62
N GLY D 62 12.04 -9.00 -3.58
CA GLY D 62 11.88 -7.69 -2.87
C GLY D 62 12.44 -7.61 -1.43
N TYR D 63 11.92 -6.65 -0.68
CA TYR D 63 12.54 -6.23 0.60
C TYR D 63 11.84 -6.74 1.89
N ALA D 64 10.92 -7.67 1.73
CA ALA D 64 10.16 -8.23 2.86
C ALA D 64 11.04 -8.99 3.86
N LYS D 65 11.91 -9.86 3.37
CA LYS D 65 12.86 -10.55 4.22
C LYS D 65 13.82 -9.58 4.90
N GLU D 66 14.35 -8.62 4.18
CA GLU D 66 15.29 -7.68 4.76
C GLU D 66 14.63 -6.95 5.92
N LYS D 67 13.41 -6.50 5.72
CA LYS D 67 12.67 -5.82 6.77
C LYS D 67 12.45 -6.75 7.96
N ALA D 68 12.06 -8.00 7.71
CA ALA D 68 11.80 -8.92 8.81
C ALA D 68 13.09 -9.12 9.59
N ILE D 69 14.22 -9.13 8.90
CA ILE D 69 15.49 -9.30 9.59
C ILE D 69 15.87 -8.09 10.46
N TYR D 70 15.65 -6.88 9.97
CA TYR D 70 15.87 -5.70 10.81
C TYR D 70 14.96 -5.70 12.04
N ASN D 71 13.71 -6.08 11.87
CA ASN D 71 12.80 -6.10 12.97
C ASN D 71 13.29 -7.16 13.99
N PHE D 72 13.71 -8.31 13.50
CA PHE D 72 14.14 -9.38 14.40
C PHE D 72 15.42 -8.98 15.12
N LEU D 73 16.33 -8.34 14.41
CA LEU D 73 17.57 -7.98 15.04
C LEU D 73 17.40 -6.85 16.03
N ASN D 74 16.55 -5.86 15.73
CA ASN D 74 16.37 -4.70 16.62
C ASN D 74 15.65 -5.11 17.90
N THR D 75 14.81 -6.12 17.81
CA THR D 75 14.24 -6.78 18.99
C THR D 75 15.26 -7.56 19.81
N ASN D 76 16.17 -8.30 19.17
CA ASN D 76 16.91 -9.34 19.88
C ASN D 76 18.38 -9.07 20.13
N LEU D 77 19.00 -8.16 19.38
CA LEU D 77 20.44 -7.94 19.60
C LEU D 77 20.63 -7.08 20.83
N GLU D 78 21.68 -7.32 21.59
CA GLU D 78 22.11 -6.42 22.67
C GLU D 78 23.49 -5.93 22.32
N THR D 79 23.60 -4.71 21.81
CA THR D 79 24.84 -4.26 21.22
C THR D 79 24.76 -2.77 21.16
N ASN D 80 25.89 -2.10 21.17
CA ASN D 80 25.91 -0.67 20.92
C ASN D 80 26.14 -0.35 19.45
N VAL D 81 26.42 -1.36 18.64
CA VAL D 81 26.57 -1.16 17.20
C VAL D 81 25.18 -0.91 16.56
N LYS D 82 25.06 0.17 15.82
CA LYS D 82 23.79 0.49 15.21
C LYS D 82 23.55 -0.28 13.89
N ILE D 83 22.29 -0.60 13.65
CA ILE D 83 21.84 -1.12 12.35
C ILE D 83 20.56 -0.40 11.90
N PRO D 84 20.17 -0.56 10.64
CA PRO D 84 18.96 0.12 10.19
C PRO D 84 17.76 -0.24 11.04
N ASN D 85 16.95 0.78 11.33
CA ASN D 85 15.71 0.62 12.06
C ASN D 85 14.57 1.19 11.21
N ILE D 86 13.78 0.30 10.67
CA ILE D 86 12.85 0.68 9.60
C ILE D 86 11.67 1.49 10.14
N GLU D 87 11.51 2.72 9.67
CA GLU D 87 10.30 3.52 9.99
C GLU D 87 9.29 3.59 8.84
N TYR D 88 9.72 3.41 7.60
CA TYR D 88 8.81 3.48 6.44
C TYR D 88 9.05 2.26 5.60
N SER D 89 7.97 1.62 5.17
CA SER D 89 8.12 0.55 4.25
C SER D 89 6.91 0.43 3.37
N TYR D 90 7.14 0.08 2.12
CA TYR D 90 6.09 -0.29 1.19
C TYR D 90 6.63 -1.45 0.41
N ILE D 91 5.88 -2.55 0.44
CA ILE D 91 6.28 -3.77 -0.16
C ILE D 91 5.17 -4.31 -1.03
N SER D 92 5.44 -4.41 -2.33
CA SER D 92 4.49 -4.94 -3.33
C SER D 92 5.33 -5.79 -4.26
N ASP D 93 4.65 -6.52 -5.13
CA ASP D 93 5.33 -7.32 -6.13
C ASP D 93 6.27 -6.51 -7.01
N GLU D 94 5.87 -5.30 -7.39
CA GLU D 94 6.61 -4.54 -8.40
C GLU D 94 7.52 -3.50 -7.79
N LEU D 95 7.43 -3.27 -6.48
CA LEU D 95 8.10 -2.13 -5.91
C LEU D 95 8.26 -2.29 -4.42
N SER D 96 9.48 -2.10 -3.94
CA SER D 96 9.75 -2.13 -2.52
C SER D 96 10.58 -0.94 -2.13
N ILE D 97 10.17 -0.35 -1.02
CA ILE D 97 10.84 0.79 -0.47
C ILE D 97 11.02 0.57 1.01
N LEU D 98 12.24 0.77 1.51
CA LEU D 98 12.52 0.78 2.96
C LEU D 98 13.13 2.13 3.30
N GLY D 99 12.61 2.77 4.33
CA GLY D 99 13.22 3.98 4.86
C GLY D 99 13.60 3.91 6.32
N TYR D 100 14.73 4.50 6.65
CA TYR D 100 15.26 4.48 8.02
C TYR D 100 16.19 5.64 8.19
N LYS D 101 16.46 6.03 9.44
CA LYS D 101 17.36 7.14 9.70
C LYS D 101 18.78 6.69 9.39
N GLU D 102 19.48 7.57 8.68
CA GLU D 102 20.84 7.30 8.28
C GLU D 102 21.74 7.10 9.51
N ILE D 103 22.50 6.02 9.53
CA ILE D 103 23.53 5.86 10.55
C ILE D 103 24.76 6.68 10.14
N LYS D 104 25.24 7.56 11.03
CA LYS D 104 26.31 8.50 10.70
C LYS D 104 27.66 7.87 11.00
N GLY D 105 28.63 8.12 10.17
CA GLY D 105 29.98 7.57 10.34
C GLY D 105 30.67 7.49 8.99
N THR D 106 31.83 6.86 8.99
CA THR D 106 32.70 6.78 7.83
C THR D 106 32.89 5.30 7.53
N PHE D 107 32.77 4.94 6.26
CA PHE D 107 32.91 3.54 5.89
C PHE D 107 34.36 3.09 5.96
N LEU D 108 34.57 1.93 6.52
CA LEU D 108 35.89 1.29 6.60
C LEU D 108 36.46 1.00 5.22
N THR D 109 37.73 1.35 5.01
CA THR D 109 38.43 1.03 3.77
C THR D 109 39.80 0.54 4.13
N PRO D 110 40.48 -0.15 3.21
CA PRO D 110 41.90 -0.51 3.41
C PRO D 110 42.80 0.67 3.74
N GLU D 111 42.58 1.79 3.08
CA GLU D 111 43.39 2.99 3.28
C GLU D 111 43.23 3.45 4.70
N ILE D 112 42.01 3.56 5.18
CA ILE D 112 41.76 4.02 6.55
C ILE D 112 42.34 3.03 7.56
N TYR D 113 42.14 1.74 7.32
CA TYR D 113 42.70 0.73 8.24
C TYR D 113 44.25 0.86 8.40
N SER D 114 44.94 1.09 7.29
CA SER D 114 46.37 1.20 7.28
C SER D 114 46.86 2.43 8.04
N THR D 115 46.04 3.46 8.24
CA THR D 115 46.42 4.60 9.09
C THR D 115 46.03 4.42 10.58
N MET D 116 45.26 3.39 10.93
CA MET D 116 44.89 3.20 12.33
C MET D 116 46.10 2.67 13.11
N SER D 117 46.25 3.12 14.36
CA SER D 117 47.25 2.56 15.26
C SER D 117 46.97 1.09 15.50
N GLU D 118 47.99 0.37 15.96
CA GLU D 118 47.83 -1.04 16.30
C GLU D 118 46.71 -1.25 17.34
N GLU D 119 46.64 -0.40 18.35
CA GLU D 119 45.57 -0.45 19.33
C GLU D 119 44.21 -0.22 18.68
N GLU D 120 44.08 0.75 17.80
CA GLU D 120 42.78 0.93 17.09
C GLU D 120 42.41 -0.31 16.25
N GLN D 121 43.38 -0.91 15.59
CA GLN D 121 43.12 -2.05 14.74
C GLN D 121 42.65 -3.23 15.62
N ASN D 122 43.36 -3.47 16.74
CA ASN D 122 42.98 -4.56 17.61
C ASN D 122 41.55 -4.35 18.15
N LEU D 123 41.19 -3.12 18.52
CA LEU D 123 39.83 -2.86 19.02
C LEU D 123 38.77 -3.10 17.96
N LEU D 124 39.03 -2.67 16.74
CA LEU D 124 38.08 -2.87 15.63
C LEU D 124 37.86 -4.36 15.37
N LYS D 125 38.96 -5.13 15.33
CA LYS D 125 38.82 -6.56 15.12
C LYS D 125 37.99 -7.16 16.25
N ARG D 126 38.23 -6.74 17.50
CA ARG D 126 37.47 -7.28 18.61
C ARG D 126 36.02 -6.89 18.51
N ASP D 127 35.73 -5.66 18.09
CA ASP D 127 34.32 -5.24 17.93
C ASP D 127 33.62 -6.12 16.88
N ILE D 128 34.33 -6.41 15.81
CA ILE D 128 33.73 -7.20 14.73
C ILE D 128 33.48 -8.62 15.21
N ALA D 129 34.48 -9.23 15.83
CA ALA D 129 34.35 -10.61 16.27
C ALA D 129 33.20 -10.67 17.24
N SER D 130 33.10 -9.68 18.09
CA SER D 130 32.07 -9.69 19.10
C SER D 130 30.68 -9.53 18.49
N PHE D 131 30.54 -8.66 17.47
CA PHE D 131 29.22 -8.47 16.87
C PHE D 131 28.80 -9.77 16.21
N LEU D 132 29.72 -10.39 15.50
CA LEU D 132 29.41 -11.63 14.79
C LEU D 132 29.09 -12.74 15.74
N ARG D 133 29.82 -12.82 16.87
CA ARG D 133 29.55 -13.87 17.87
CA ARG D 133 29.54 -13.88 17.86
C ARG D 133 28.13 -13.70 18.38
N GLN D 134 27.79 -12.47 18.73
CA GLN D 134 26.47 -12.25 19.27
C GLN D 134 25.39 -12.57 18.20
N MET D 135 25.57 -12.13 16.96
CA MET D 135 24.53 -12.38 15.96
C MET D 135 24.42 -13.88 15.66
N HIS D 136 25.55 -14.53 15.50
CA HIS D 136 25.55 -15.95 15.17
C HIS D 136 25.04 -16.81 16.31
N GLY D 137 25.05 -16.29 17.53
CA GLY D 137 24.51 -17.00 18.67
C GLY D 137 23.00 -16.86 18.82
N LEU D 138 22.33 -15.98 18.07
CA LEU D 138 20.90 -15.76 18.31
C LEU D 138 20.07 -16.96 17.95
N ASP D 139 19.11 -17.27 18.80
CA ASP D 139 18.05 -18.22 18.49
C ASP D 139 17.23 -17.61 17.33
N TYR D 140 17.21 -18.28 16.18
CA TYR D 140 16.58 -17.73 14.97
C TYR D 140 15.21 -18.34 14.65
N THR D 141 14.60 -18.98 15.65
CA THR D 141 13.29 -19.62 15.48
C THR D 141 12.26 -18.66 14.88
N ASP D 142 12.27 -17.42 15.34
CA ASP D 142 11.24 -16.47 14.92
C ASP D 142 11.40 -15.97 13.48
N ILE D 143 12.51 -16.27 12.83
CA ILE D 143 12.67 -15.95 11.41
C ILE D 143 13.09 -17.20 10.68
N SER D 144 12.57 -18.35 11.10
CA SER D 144 13.10 -19.62 10.60
C SER D 144 12.82 -19.87 9.12
N GLU D 145 11.91 -19.09 8.54
CA GLU D 145 11.68 -19.14 7.09
C GLU D 145 12.82 -18.53 6.25
N CYS D 146 13.70 -17.72 6.85
CA CYS D 146 14.74 -17.00 6.08
C CYS D 146 16.01 -17.83 5.90
N THR D 147 15.85 -19.09 5.53
CA THR D 147 17.00 -19.97 5.28
C THR D 147 17.53 -19.74 3.86
N ILE D 148 18.81 -19.96 3.71
CA ILE D 148 19.42 -19.87 2.43
C ILE D 148 20.30 -21.08 2.27
N ASP D 149 20.15 -21.78 1.13
CA ASP D 149 20.89 -23.01 0.86
C ASP D 149 21.76 -22.71 -0.36
N ASN D 150 23.03 -22.40 -0.13
CA ASN D 150 23.89 -21.93 -1.22
C ASN D 150 24.13 -23.01 -2.29
N LYS D 151 24.31 -24.23 -1.82
CA LYS D 151 24.51 -25.35 -2.71
C LYS D 151 23.35 -25.55 -3.66
N GLN D 152 22.14 -25.55 -3.12
CA GLN D 152 20.96 -25.64 -3.93
C GLN D 152 20.81 -24.45 -4.89
N ASN D 153 21.14 -23.24 -4.42
CA ASN D 153 21.03 -22.07 -5.30
C ASN D 153 21.96 -22.22 -6.51
N VAL D 154 23.15 -22.75 -6.25
CA VAL D 154 24.09 -22.97 -7.33
C VAL D 154 23.56 -24.04 -8.29
N LEU D 155 23.05 -25.13 -7.76
CA LEU D 155 22.43 -26.10 -8.64
C LEU D 155 21.38 -25.48 -9.54
N GLU D 156 20.50 -24.65 -9.00
CA GLU D 156 19.46 -24.04 -9.83
C GLU D 156 20.02 -23.10 -10.88
N GLU D 157 21.11 -22.43 -10.54
CA GLU D 157 21.81 -21.61 -11.50
C GLU D 157 22.49 -22.42 -12.58
N TYR D 158 23.04 -23.57 -12.20
CA TYR D 158 23.63 -24.47 -13.17
C TYR D 158 22.59 -24.97 -14.14
N ILE D 159 21.42 -25.31 -13.64
CA ILE D 159 20.35 -25.77 -14.52
C ILE D 159 19.95 -24.69 -15.50
N LEU D 160 19.85 -23.46 -15.03
CA LEU D 160 19.61 -22.36 -15.93
C LEU D 160 20.66 -22.26 -17.03
N LEU D 161 21.94 -22.39 -16.69
CA LEU D 161 23.00 -22.38 -17.73
C LEU D 161 22.75 -23.43 -18.75
N ARG D 162 22.41 -24.64 -18.27
CA ARG D 162 22.21 -25.77 -19.17
C ARG D 162 21.05 -25.49 -20.12
N GLU D 163 20.06 -24.78 -19.63
CA GLU D 163 18.88 -24.45 -20.41
C GLU D 163 19.10 -23.33 -21.38
N THR D 164 20.20 -22.60 -21.26
CA THR D 164 20.41 -21.40 -22.03
C THR D 164 21.68 -21.50 -22.85
N ILE D 165 22.78 -21.00 -22.34
CA ILE D 165 23.95 -20.82 -23.18
C ILE D 165 25.02 -21.88 -23.07
N TYR D 166 24.85 -22.86 -22.18
CA TYR D 166 25.92 -23.83 -21.92
C TYR D 166 26.46 -24.47 -23.20
N ASN D 167 25.59 -24.87 -24.12
CA ASN D 167 26.05 -25.55 -25.33
C ASN D 167 26.88 -24.71 -26.25
N ASP D 168 26.75 -23.39 -26.17
CA ASP D 168 27.58 -22.49 -26.95
C ASP D 168 28.89 -22.08 -26.29
N LEU D 169 29.16 -22.55 -25.08
CA LEU D 169 30.41 -22.19 -24.42
C LEU D 169 31.54 -22.99 -25.01
N THR D 170 32.76 -22.53 -24.80
CA THR D 170 33.93 -23.27 -25.26
C THR D 170 34.22 -24.47 -24.37
N ASP D 171 35.06 -25.38 -24.82
CA ASP D 171 35.47 -26.51 -24.00
C ASP D 171 36.15 -26.06 -22.71
N ILE D 172 36.98 -25.03 -22.78
CA ILE D 172 37.64 -24.49 -21.60
C ILE D 172 36.62 -23.92 -20.58
N GLU D 173 35.59 -23.26 -21.08
CA GLU D 173 34.57 -22.69 -20.20
C GLU D 173 33.77 -23.83 -19.53
N LYS D 174 33.34 -24.81 -20.34
CA LYS D 174 32.61 -25.92 -19.85
C LYS D 174 33.42 -26.68 -18.79
N ASP D 175 34.70 -26.90 -19.06
CA ASP D 175 35.55 -27.60 -18.10
C ASP D 175 35.69 -26.83 -16.79
N TYR D 176 35.80 -25.52 -16.85
CA TYR D 176 35.85 -24.74 -15.62
C TYR D 176 34.59 -24.94 -14.79
N ILE D 177 33.45 -24.90 -15.46
CA ILE D 177 32.17 -25.05 -14.79
C ILE D 177 32.00 -26.42 -14.19
N GLU D 178 32.34 -27.48 -14.95
CA GLU D 178 32.15 -28.83 -14.47
C GLU D 178 33.07 -29.11 -13.33
N SER D 179 34.27 -28.59 -13.42
CA SER D 179 35.23 -28.78 -12.37
C SER D 179 34.72 -28.12 -11.07
N PHE D 180 34.12 -26.93 -11.20
CA PHE D 180 33.52 -26.32 -10.04
C PHE D 180 32.38 -27.19 -9.47
N MET D 181 31.52 -27.69 -10.34
CA MET D 181 30.39 -28.51 -9.86
C MET D 181 30.88 -29.76 -9.15
N GLU D 182 31.97 -30.35 -9.62
CA GLU D 182 32.53 -31.54 -8.99
C GLU D 182 33.09 -31.20 -7.60
N ARG D 183 33.74 -30.06 -7.48
CA ARG D 183 34.19 -29.58 -6.19
C ARG D 183 33.03 -29.29 -5.25
N LEU D 184 31.99 -28.66 -5.77
CA LEU D 184 30.80 -28.38 -4.99
C LEU D 184 30.19 -29.64 -4.41
N ASN D 185 30.19 -30.70 -5.19
CA ASN D 185 29.60 -31.94 -4.78
C ASN D 185 30.44 -32.65 -3.73
N ALA D 186 31.75 -32.43 -3.76
CA ALA D 186 32.65 -33.17 -2.86
C ALA D 186 32.95 -32.43 -1.57
N THR D 187 32.75 -31.13 -1.52
CA THR D 187 33.13 -30.38 -0.34
C THR D 187 32.29 -30.73 0.90
N THR D 188 32.91 -30.59 2.07
CA THR D 188 32.23 -30.76 3.33
C THR D 188 31.89 -29.44 3.96
N VAL D 189 32.21 -28.30 3.34
CA VAL D 189 32.08 -27.03 4.08
C VAL D 189 30.65 -26.59 4.31
N PHE D 190 29.66 -27.29 3.75
CA PHE D 190 28.25 -26.95 4.02
C PHE D 190 27.66 -27.75 5.17
N GLU D 191 28.46 -28.53 5.88
CA GLU D 191 27.94 -29.48 6.87
C GLU D 191 28.20 -29.04 8.29
N GLY D 192 28.56 -27.79 8.48
CA GLY D 192 28.77 -27.26 9.80
C GLY D 192 27.56 -26.48 10.32
N LYS D 193 27.84 -25.68 11.34
CA LYS D 193 26.86 -24.87 12.02
C LYS D 193 26.17 -23.81 11.11
N LYS D 194 24.85 -23.81 11.22
CA LYS D 194 24.01 -22.88 10.56
C LYS D 194 23.57 -21.83 11.54
N CYS D 195 23.51 -20.59 11.09
CA CYS D 195 23.08 -19.52 11.97
C CYS D 195 22.72 -18.32 11.18
N LEU D 196 22.16 -17.34 11.85
CA LEU D 196 21.82 -16.09 11.19
C LEU D 196 23.07 -15.30 10.85
N CYS D 197 23.26 -15.02 9.56
CA CYS D 197 24.46 -14.31 9.08
C CYS D 197 24.10 -13.09 8.30
N HIS D 198 24.97 -12.09 8.37
CA HIS D 198 24.79 -10.88 7.60
C HIS D 198 24.80 -11.22 6.12
N ASN D 199 25.79 -12.02 5.78
CA ASN D 199 25.94 -12.65 4.44
C ASN D 199 26.36 -11.71 3.32
N ASP D 200 26.83 -10.53 3.65
CA ASP D 200 27.47 -9.66 2.67
C ASP D 200 28.45 -8.73 3.45
N PHE D 201 29.27 -9.35 4.29
CA PHE D 201 29.90 -8.67 5.40
C PHE D 201 31.30 -8.18 4.97
N SER D 202 31.28 -7.12 4.18
CA SER D 202 32.43 -6.56 3.55
C SER D 202 32.66 -5.21 4.17
N CYS D 203 33.80 -4.60 3.93
CA CYS D 203 34.02 -3.37 4.68
C CYS D 203 33.26 -2.12 4.20
N ASN D 204 32.72 -2.13 3.00
CA ASN D 204 31.82 -1.08 2.61
C ASN D 204 30.42 -1.13 3.30
N HIS D 205 30.22 -2.07 4.19
CA HIS D 205 29.00 -2.06 5.00
C HIS D 205 29.29 -1.81 6.46
N LEU D 206 30.54 -1.49 6.78
CA LEU D 206 30.92 -1.24 8.18
C LEU D 206 31.23 0.24 8.37
N LEU D 207 30.57 0.86 9.35
CA LEU D 207 30.79 2.26 9.65
C LEU D 207 31.63 2.43 10.91
N LEU D 208 32.56 3.38 10.86
CA LEU D 208 33.36 3.78 12.00
C LEU D 208 32.94 5.15 12.52
N ASP D 209 33.11 5.38 13.84
CA ASP D 209 32.89 6.72 14.43
C ASP D 209 34.21 7.49 14.38
N GLY D 210 34.26 8.67 15.01
CA GLY D 210 35.44 9.54 14.99
C GLY D 210 36.67 8.99 15.72
N ASN D 211 36.49 7.96 16.56
CA ASN D 211 37.63 7.26 17.18
C ASN D 211 38.02 5.95 16.48
N ASN D 212 37.52 5.74 15.26
CA ASN D 212 37.81 4.53 14.48
C ASN D 212 37.32 3.27 15.13
N ARG D 213 36.27 3.39 15.94
CA ARG D 213 35.59 2.22 16.45
C ARG D 213 34.34 1.93 15.59
N LEU D 214 33.93 0.66 15.60
CA LEU D 214 32.79 0.21 14.85
C LEU D 214 31.53 0.80 15.43
N THR D 215 30.81 1.56 14.64
CA THR D 215 29.65 2.25 15.17
C THR D 215 28.33 1.82 14.48
N GLY D 216 28.44 1.30 13.26
CA GLY D 216 27.27 0.76 12.58
C GLY D 216 27.59 -0.24 11.49
N ILE D 217 26.56 -1.04 11.19
CA ILE D 217 26.58 -2.05 10.12
C ILE D 217 25.27 -1.98 9.29
N ILE D 218 25.41 -1.92 7.97
CA ILE D 218 24.29 -1.74 7.08
C ILE D 218 24.15 -2.89 6.13
N ASP D 219 23.02 -2.87 5.42
CA ASP D 219 22.70 -3.79 4.31
C ASP D 219 22.71 -5.22 4.73
N PHE D 220 21.68 -5.59 5.46
CA PHE D 220 21.40 -6.97 5.79
C PHE D 220 20.47 -7.56 4.73
N GLY D 221 20.54 -7.02 3.51
CA GLY D 221 19.66 -7.42 2.41
C GLY D 221 19.89 -8.80 1.85
N ASP D 222 21.03 -9.44 2.16
CA ASP D 222 21.26 -10.84 1.80
C ASP D 222 21.30 -11.76 3.02
N SER D 223 20.95 -11.27 4.19
CA SER D 223 21.04 -12.07 5.40
C SER D 223 20.07 -13.19 5.41
N GLY D 224 20.43 -14.21 6.16
CA GLY D 224 19.56 -15.31 6.43
C GLY D 224 20.28 -16.35 7.24
N ILE D 225 19.61 -17.48 7.39
CA ILE D 225 20.14 -18.58 8.15
C ILE D 225 20.90 -19.42 7.17
N ILE D 226 22.20 -19.58 7.44
CA ILE D 226 23.12 -20.10 6.45
C ILE D 226 24.39 -20.52 7.21
N ASP D 227 25.35 -21.07 6.49
CA ASP D 227 26.59 -21.47 7.14
C ASP D 227 27.32 -20.33 7.86
N GLU D 228 27.74 -20.62 9.09
CA GLU D 228 28.52 -19.73 9.92
C GLU D 228 29.72 -19.16 9.14
N TYR D 229 30.33 -19.97 8.30
CA TYR D 229 31.48 -19.52 7.53
C TYR D 229 31.21 -18.32 6.60
N CYS D 230 29.96 -18.12 6.21
CA CYS D 230 29.59 -17.04 5.23
C CYS D 230 30.02 -15.67 5.63
N ASP D 231 30.02 -15.37 6.94
CA ASP D 231 30.32 -14.02 7.36
C ASP D 231 31.82 -13.74 7.39
N PHE D 232 32.64 -14.70 6.96
CA PHE D 232 34.06 -14.48 6.91
C PHE D 232 34.62 -14.44 5.49
N ILE D 233 33.75 -14.59 4.50
CA ILE D 233 34.17 -14.62 3.11
C ILE D 233 34.90 -13.35 2.64
N TYR D 234 34.43 -12.17 3.07
CA TYR D 234 35.07 -10.94 2.64
C TYR D 234 36.19 -10.57 3.55
N LEU D 235 36.05 -10.87 4.84
CA LEU D 235 37.12 -10.59 5.79
C LEU D 235 38.34 -11.40 5.38
N LEU D 236 38.16 -12.56 4.75
CA LEU D 236 39.26 -13.36 4.26
C LEU D 236 39.76 -13.00 2.88
N GLU D 237 39.08 -12.08 2.19
CA GLU D 237 39.37 -11.85 0.79
C GLU D 237 40.59 -10.96 0.61
N ASP D 238 41.39 -11.33 -0.37
CA ASP D 238 42.57 -10.57 -0.72
C ASP D 238 42.29 -9.80 -2.03
N SER D 239 41.91 -8.53 -1.91
CA SER D 239 41.54 -7.70 -3.07
C SER D 239 41.74 -6.24 -2.72
N GLU D 240 41.63 -5.37 -3.70
CA GLU D 240 41.78 -3.94 -3.45
C GLU D 240 40.66 -3.35 -2.61
N GLU D 241 39.50 -3.98 -2.60
CA GLU D 241 38.38 -3.47 -1.79
C GLU D 241 38.40 -3.90 -0.32
N GLU D 242 39.07 -5.00 0.00
CA GLU D 242 39.00 -5.52 1.36
C GLU D 242 40.36 -5.38 2.01
N ILE D 243 40.37 -5.49 3.33
CA ILE D 243 41.58 -5.26 4.09
C ILE D 243 42.64 -6.31 3.85
N GLY D 244 42.26 -7.59 3.89
CA GLY D 244 43.20 -8.67 3.53
C GLY D 244 42.96 -9.93 4.36
N THR D 245 43.56 -11.02 3.89
CA THR D 245 43.44 -12.34 4.51
C THR D 245 43.82 -12.35 5.97
N ASN D 246 44.87 -11.61 6.32
CA ASN D 246 45.31 -11.50 7.73
C ASN D 246 44.34 -10.87 8.69
N PHE D 247 43.63 -9.88 8.19
CA PHE D 247 42.53 -9.26 8.93
C PHE D 247 41.47 -10.31 9.31
N GLY D 248 41.00 -11.06 8.32
CA GLY D 248 40.01 -12.11 8.58
C GLY D 248 40.53 -13.26 9.44
N GLU D 249 41.78 -13.65 9.23
CA GLU D 249 42.39 -14.64 10.13
C GLU D 249 42.41 -14.17 11.58
N ASP D 250 42.80 -12.93 11.80
CA ASP D 250 42.90 -12.44 13.18
C ASP D 250 41.53 -12.37 13.85
N ILE D 251 40.55 -11.95 13.07
CA ILE D 251 39.19 -11.88 13.55
C ILE D 251 38.71 -13.28 13.90
N LEU D 252 39.03 -14.25 13.02
CA LEU D 252 38.62 -15.63 13.26
C LEU D 252 39.22 -16.15 14.58
N ARG D 253 40.46 -15.78 14.86
CA ARG D 253 41.08 -16.19 16.12
C ARG D 253 40.44 -15.55 17.32
N MET D 254 40.05 -14.29 17.21
CA MET D 254 39.31 -13.66 18.29
C MET D 254 37.94 -14.24 18.45
N TYR D 255 37.28 -14.57 17.33
CA TYR D 255 35.92 -15.09 17.40
C TYR D 255 35.93 -16.44 18.11
N GLY D 256 36.88 -17.29 17.74
CA GLY D 256 37.11 -18.57 18.39
C GLY D 256 36.15 -19.67 17.96
N ASN D 257 36.49 -20.91 18.29
CA ASN D 257 35.60 -22.06 18.08
C ASN D 257 35.10 -22.14 16.64
N ILE D 258 36.02 -21.99 15.69
CA ILE D 258 35.70 -22.15 14.32
C ILE D 258 36.94 -22.66 13.58
N ASP D 259 36.73 -23.58 12.65
CA ASP D 259 37.78 -24.16 11.87
C ASP D 259 38.20 -23.15 10.77
N ILE D 260 39.39 -22.55 10.95
CA ILE D 260 39.86 -21.48 10.05
C ILE D 260 40.12 -22.03 8.65
N GLU D 261 40.61 -23.26 8.55
CA GLU D 261 40.92 -23.81 7.24
C GLU D 261 39.65 -24.05 6.44
N LYS D 262 38.55 -24.43 7.09
CA LYS D 262 37.30 -24.61 6.38
C LYS D 262 36.65 -23.27 6.02
N ALA D 263 36.78 -22.29 6.88
CA ALA D 263 36.37 -20.95 6.51
C ALA D 263 37.08 -20.50 5.23
N LYS D 264 38.38 -20.80 5.12
CA LYS D 264 39.13 -20.43 3.94
C LYS D 264 38.71 -21.26 2.75
N GLU D 265 38.45 -22.54 2.96
CA GLU D 265 37.94 -23.37 1.88
C GLU D 265 36.62 -22.77 1.36
N TYR D 266 35.75 -22.34 2.26
CA TYR D 266 34.45 -21.81 1.85
C TYR D 266 34.68 -20.56 1.00
N GLN D 267 35.52 -19.67 1.47
CA GLN D 267 35.81 -18.47 0.70
C GLN D 267 36.41 -18.81 -0.68
N ASP D 268 37.29 -19.82 -0.73
CA ASP D 268 37.94 -20.20 -1.97
C ASP D 268 36.90 -20.75 -2.97
N ILE D 269 35.94 -21.52 -2.47
CA ILE D 269 34.88 -22.04 -3.32
C ILE D 269 34.03 -20.88 -3.86
N VAL D 270 33.68 -19.93 -3.00
CA VAL D 270 32.87 -18.80 -3.42
C VAL D 270 33.63 -18.02 -4.43
N GLU D 271 34.94 -17.90 -4.26
CA GLU D 271 35.75 -17.14 -5.19
C GLU D 271 35.83 -17.88 -6.53
N GLU D 272 35.91 -19.19 -6.50
CA GLU D 272 35.96 -19.98 -7.73
C GLU D 272 34.62 -19.85 -8.48
N TYR D 273 33.52 -19.70 -7.74
CA TYR D 273 32.21 -19.52 -8.35
C TYR D 273 31.98 -18.15 -9.03
N TYR D 274 32.74 -17.14 -8.66
CA TYR D 274 32.49 -15.77 -9.11
C TYR D 274 32.25 -15.54 -10.61
N PRO D 275 33.15 -16.00 -11.47
CA PRO D 275 32.87 -15.90 -12.90
C PRO D 275 31.53 -16.52 -13.35
N ILE D 276 31.12 -17.62 -12.74
CA ILE D 276 29.92 -18.31 -13.13
C ILE D 276 28.76 -17.49 -12.62
N GLU D 277 28.88 -17.00 -11.41
CA GLU D 277 27.88 -16.09 -10.86
C GLU D 277 27.68 -14.90 -11.79
N THR D 278 28.77 -14.39 -12.34
CA THR D 278 28.74 -13.20 -13.18
C THR D 278 27.98 -13.55 -14.47
N ILE D 279 28.28 -14.71 -15.05
CA ILE D 279 27.60 -15.13 -16.28
C ILE D 279 26.09 -15.26 -16.05
N VAL D 280 25.74 -15.86 -14.92
CA VAL D 280 24.37 -16.12 -14.57
C VAL D 280 23.62 -14.82 -14.39
N TYR D 281 24.26 -13.85 -13.75
CA TYR D 281 23.66 -12.56 -13.58
C TYR D 281 23.34 -11.99 -14.97
N GLY D 282 24.23 -12.19 -15.94
CA GLY D 282 24.04 -11.64 -17.27
C GLY D 282 22.89 -12.29 -18.02
N ILE D 283 22.71 -13.58 -17.80
CA ILE D 283 21.63 -14.32 -18.42
C ILE D 283 20.31 -13.86 -17.86
N LYS D 284 20.19 -13.88 -16.54
CA LYS D 284 18.93 -13.56 -15.88
C LYS D 284 18.47 -12.15 -16.17
N ASN D 285 19.41 -11.23 -16.34
CA ASN D 285 19.08 -9.81 -16.48
C ASN D 285 19.29 -9.34 -17.91
N ILE D 286 19.51 -10.27 -18.81
CA ILE D 286 19.69 -9.96 -20.22
C ILE D 286 20.75 -8.87 -20.39
N LYS D 287 21.93 -9.09 -19.84
CA LYS D 287 23.06 -8.17 -19.98
C LYS D 287 24.30 -8.87 -20.48
N GLN D 288 24.51 -8.76 -21.79
CA GLN D 288 25.55 -9.50 -22.50
C GLN D 288 26.93 -9.23 -21.90
N GLU D 289 27.12 -7.99 -21.50
CA GLU D 289 28.37 -7.51 -20.93
C GLU D 289 28.82 -8.38 -19.75
N PHE D 290 27.89 -8.79 -18.90
CA PHE D 290 28.25 -9.66 -17.77
C PHE D 290 28.61 -11.08 -18.22
N ILE D 291 27.90 -11.57 -19.24
CA ILE D 291 28.19 -12.90 -19.79
C ILE D 291 29.61 -12.90 -20.34
N GLU D 292 29.95 -11.87 -21.12
CA GLU D 292 31.30 -11.70 -21.68
C GLU D 292 32.38 -11.57 -20.58
N ASN D 293 32.14 -10.75 -19.55
CA ASN D 293 33.10 -10.56 -18.47
C ASN D 293 33.36 -11.84 -17.70
N GLY D 294 32.33 -12.62 -17.43
CA GLY D 294 32.52 -13.85 -16.69
C GLY D 294 33.31 -14.86 -17.50
N ARG D 295 33.04 -14.92 -18.80
CA ARG D 295 33.71 -15.87 -19.68
C ARG D 295 35.18 -15.52 -19.79
N LYS D 296 35.48 -14.24 -19.95
CA LYS D 296 36.86 -13.79 -20.03
C LYS D 296 37.62 -14.08 -18.75
N GLU D 297 36.95 -13.88 -17.61
CA GLU D 297 37.56 -14.16 -16.32
C GLU D 297 37.90 -15.67 -16.16
N ILE D 298 37.07 -16.54 -16.72
CA ILE D 298 37.41 -17.95 -16.74
C ILE D 298 38.76 -18.20 -17.41
N TYR D 299 39.01 -17.55 -18.56
CA TYR D 299 40.29 -17.70 -19.28
C TYR D 299 41.43 -17.16 -18.46
N LYS D 300 41.22 -16.03 -17.82
CA LYS D 300 42.27 -15.53 -16.96
C LYS D 300 42.62 -16.50 -15.83
N ARG D 301 41.61 -17.01 -15.15
CA ARG D 301 41.85 -17.96 -14.05
C ARG D 301 42.44 -19.30 -14.55
N THR D 302 42.05 -19.76 -15.73
CA THR D 302 42.61 -20.99 -16.27
C THR D 302 44.11 -20.91 -16.56
N TYR D 303 44.57 -19.75 -17.02
CA TYR D 303 45.97 -19.58 -17.44
C TYR D 303 46.82 -18.99 -16.31
N LYS D 304 46.20 -18.56 -15.18
CA LYS D 304 46.85 -17.79 -14.10
C LYS D 304 47.19 -18.68 -12.90
PG GNP E . -18.77 3.60 1.80
O1G GNP E . -19.62 2.72 0.97
O2G GNP E . -17.29 2.81 1.74
O3G GNP E . -18.78 5.01 1.55
N3B GNP E . -19.24 3.44 3.36
PB GNP E . -20.30 4.36 4.19
O1B GNP E . -21.31 4.97 3.30
O2B GNP E . -20.94 3.59 5.34
O3A GNP E . -19.55 5.64 4.71
PA GNP E . -19.82 7.14 5.15
O1A GNP E . -21.16 7.63 4.72
O2A GNP E . -18.72 8.02 4.58
O5' GNP E . -19.76 7.20 6.76
C5' GNP E . -20.47 6.22 7.52
C4' GNP E . -21.23 6.97 8.59
O4' GNP E . -20.30 7.52 9.55
C3' GNP E . -22.04 8.19 8.11
O3' GNP E . -23.33 7.72 7.77
C2' GNP E . -22.15 8.99 9.40
O2' GNP E . -22.97 8.24 10.32
C1' GNP E . -20.73 8.81 9.97
N9 GNP E . -19.74 9.82 9.57
C8 GNP E . -18.69 9.70 8.71
N7 GNP E . -17.99 10.82 8.56
C5 GNP E . -18.60 11.69 9.44
C6 GNP E . -18.23 12.93 9.83
O6 GNP E . -17.36 13.63 9.36
N1 GNP E . -19.05 13.45 10.81
C2 GNP E . -20.11 12.78 11.36
N2 GNP E . -20.77 13.40 12.32
N3 GNP E . -20.48 11.58 10.99
C4 GNP E . -19.69 11.09 10.04
C1 AKN F . -30.97 4.60 -3.56
C3 AKN F . -32.29 5.33 -3.38
C4 AKN F . -33.25 4.86 -4.44
C5 AKN F . -32.64 5.12 -5.81
C7 AKN F . -31.36 4.29 -5.89
C9 AKN F . -30.63 4.43 -7.20
O6 AKN F . -33.52 4.79 -6.87
O2 AKN F . -31.21 3.24 -3.31
O8 AKN F . -30.45 4.74 -4.87
N10 AKN F . -29.16 4.20 -6.96
C11 AKN F . -28.60 3.20 -0.06
N12 AKN F . -27.84 2.74 1.09
C13 AKN F . -30.09 3.00 0.20
C14 AKN F . -30.91 3.44 -1.02
N15 AKN F . -32.35 3.25 -0.82
C16 AKN F . -30.43 2.66 -2.25
C17 AKN F . -28.96 2.98 -2.55
O18 AKN F . -28.52 2.38 -3.79
C19 AKN F . -28.17 2.49 -1.35
O20 AKN F . -26.86 2.98 -1.66
C21 AKN F . -25.76 2.24 -1.19
C22 AKN F . -24.62 3.23 -1.07
O23 AKN F . -25.15 4.37 -0.40
C24 AKN F . -24.04 3.62 -2.46
N25 AKN F . -22.71 4.24 -2.31
C26 AKN F . -23.92 2.43 -3.43
O27 AKN F . -23.61 2.85 -4.74
C28 AKN F . -25.26 1.70 -3.43
O29 AKN F . -25.49 1.19 -2.10
C30 AKN F . -25.30 0.51 -4.36
O31 AKN F . -26.63 0.33 -4.85
O32 AKN F . -32.83 5.13 -2.08
O33 AKN F . -34.45 5.56 -4.21
N37 AKN F . -23.06 2.82 2.47
C35 AKN F . -27.71 3.47 2.19
O36 AKN F . -28.30 4.54 2.36
C37 AKN F . -26.79 2.89 3.29
C38 AKN F . -25.39 3.49 3.16
C39 AKN F . -24.26 2.48 3.29
O40 AKN F . -26.78 1.48 3.11
MG MG G . -22.37 6.79 3.17
MG MG H . -19.97 6.18 0.15
CL CL I . -32.85 -15.53 -6.83
PG GNP J . -12.50 -19.99 27.82
PG GNP J . -9.07 -18.86 26.60
O1G GNP J . -13.69 -19.26 28.24
O1G GNP J . -9.48 -18.36 27.89
O2G GNP J . -12.57 -21.52 28.20
O2G GNP J . -8.20 -17.72 25.85
O3G GNP J . -11.31 -19.25 28.58
O3G GNP J . -8.34 -20.18 26.70
N3B GNP J . -12.16 -19.99 26.22
N3B GNP J . -10.31 -19.06 25.54
PB GNP J . -10.74 -20.18 25.40
PB GNP J . -11.35 -20.31 25.34
O1B GNP J . -10.31 -18.96 24.78
O1B GNP J . -11.70 -21.02 26.56
O2B GNP J . -9.57 -20.65 26.39
O2B GNP J . -12.62 -19.76 24.69
O3A GNP J . -10.85 -21.37 24.29
O3A GNP J . -10.67 -21.38 24.34
PA GNP J . -10.85 -22.96 24.18
O1A GNP J . -11.64 -23.58 25.26
O2A GNP J . -9.45 -23.42 24.08
O5' GNP J . -11.63 -22.99 22.78
C5' GNP J . -12.94 -22.40 22.68
C4' GNP J . -13.90 -23.42 22.10
O4' GNP J . -13.43 -23.87 20.80
C3' GNP J . -14.08 -24.68 22.89
O3' GNP J . -15.07 -24.55 23.88
C2' GNP J . -14.59 -25.65 21.81
O2' GNP J . -15.94 -25.40 21.56
C1' GNP J . -13.79 -25.21 20.58
N9 GNP J . -12.57 -25.99 20.39
C8 GNP J . -11.28 -25.60 20.69
N7 GNP J . -10.40 -26.51 20.40
C5 GNP J . -11.14 -27.57 19.88
C6 GNP J . -10.73 -28.89 19.39
O6 GNP J . -9.59 -29.31 19.23
N1 GNP J . -11.80 -29.67 19.01
C2 GNP J . -13.10 -29.26 19.02
N2 GNP J . -14.00 -30.14 18.63
N3 GNP J . -13.50 -28.04 19.43
C4 GNP J . -12.46 -27.26 19.86
MG MG K . -12.07 -23.14 27.18
MG MG L . -9.02 -21.23 28.40
CL CL M . -21.44 -1.43 41.10
PG GNP N . 7.42 18.95 -24.54
O1G GNP N . 8.16 20.22 -24.42
O2G GNP N . 6.52 18.57 -23.30
O3G GNP N . 6.71 18.90 -25.91
N3B GNP N . 8.47 17.70 -24.70
PB GNP N . 9.22 17.22 -26.05
O1B GNP N . 9.53 18.30 -27.00
O2B GNP N . 10.57 16.61 -25.60
O3A GNP N . 8.33 16.13 -26.75
PA GNP N . 8.23 15.70 -28.26
O1A GNP N . 8.96 16.50 -29.24
O2A GNP N . 6.78 15.59 -28.55
O5' GNP N . 8.92 14.25 -28.13
C5' GNP N . 10.20 13.89 -27.62
C4' GNP N . 10.84 13.11 -28.74
O4' GNP N . 10.20 11.82 -28.85
C3' GNP N . 10.75 13.69 -30.14
O3' GNP N . 11.77 14.62 -30.51
C2' GNP N . 10.99 12.44 -30.99
O2' GNP N . 12.37 12.09 -30.89
C1' GNP N . 10.26 11.36 -30.18
N9 GNP N . 8.91 11.07 -30.65
C8 GNP N . 7.75 11.56 -30.11
N7 GNP N . 6.68 11.24 -30.82
C5 GNP N . 7.16 10.44 -31.83
C6 GNP N . 6.48 9.74 -32.84
O6 GNP N . 5.27 9.68 -33.07
N1 GNP N . 7.34 9.10 -33.70
C2 GNP N . 8.69 9.06 -33.58
N2 GNP N . 9.34 8.47 -34.57
N3 GNP N . 9.35 9.65 -32.60
C4 GNP N . 8.52 10.34 -31.76
MG MG O . 9.55 18.36 -29.17
MG MG P . 6.61 20.52 -27.13
CL CL Q . 22.81 36.35 -13.53
PG GNP R . 24.45 -3.59 -2.83
PG GNP R . 20.54 -4.05 -2.24
O1G GNP R . 24.99 -3.48 -4.17
O1G GNP R . 21.41 -5.05 -2.85
O2G GNP R . 25.59 -3.77 -1.75
O2G GNP R . 19.11 -4.06 -2.98
O3G GNP R . 23.50 -4.83 -2.79
O3G GNP R . 20.22 -4.35 -0.71
N3B GNP R . 23.56 -2.29 -2.38
N3B GNP R . 21.11 -2.52 -2.39
PB GNP R . 22.12 -2.19 -1.60
PB GNP R . 22.50 -1.84 -1.88
O1B GNP R . 21.02 -1.88 -2.50
O1B GNP R . 23.56 -2.81 -1.67
O2B GNP R . 21.81 -3.54 -0.82
O2B GNP R . 22.85 -0.77 -2.96
O3A GNP R . 22.13 -0.98 -0.55
O3A GNP R . 22.12 -1.02 -0.53
PA GNP R . 22.92 -0.69 0.80
O1A GNP R . 24.28 -1.22 0.69
O2A GNP R . 22.07 -1.09 1.94
O5' GNP R . 22.86 0.95 0.61
C5' GNP R . 23.53 1.50 -0.56
C4' GNP R . 24.52 2.55 -0.10
O4' GNP R . 23.83 3.60 0.60
C3' GNP R . 25.57 2.04 0.88
O3' GNP R . 26.67 1.42 0.22
C2' GNP R . 25.95 3.31 1.63
O2' GNP R . 26.83 4.10 0.86
C1' GNP R . 24.61 4.04 1.71
N9 GNP R . 23.88 3.77 2.94
C8 GNP R . 22.83 2.93 3.21
N7 GNP R . 22.45 2.92 4.48
C5 GNP R . 23.30 3.83 5.09
C6 GNP R . 23.40 4.30 6.46
O6 GNP R . 22.68 4.03 7.43
N1 GNP R . 24.44 5.19 6.62
C2 GNP R . 25.29 5.63 5.62
N2 GNP R . 26.21 6.51 5.96
N3 GNP R . 25.20 5.25 4.34
C4 GNP R . 24.20 4.36 4.15
C1 AKN S . 33.60 -9.92 -5.05
C3 AKN S . 34.84 -10.79 -5.25
C4 AKN S . 36.07 -9.92 -5.27
C5 AKN S . 35.95 -8.89 -6.38
C7 AKN S . 34.64 -8.11 -6.29
C9 AKN S . 34.35 -7.33 -7.55
O6 AKN S . 37.04 -7.99 -6.23
O2 AKN S . 33.69 -9.27 -3.79
O8 AKN S . 33.50 -8.99 -6.12
N10 AKN S . 34.15 -5.91 -7.29
C11 AKN S . 30.81 -7.05 -1.59
N12 AKN S . 29.91 -6.02 -1.04
C13 AKN S . 32.25 -6.53 -1.70
C14 AKN S . 33.22 -7.63 -2.14
N15 AKN S . 34.61 -7.16 -2.16
C16 AKN S . 32.75 -8.22 -3.48
C17 AKN S . 31.33 -8.78 -3.34
O18 AKN S . 30.92 -9.44 -4.53
C19 AKN S . 30.39 -7.63 -2.96
O20 AKN S . 29.02 -8.10 -2.94
C21 AKN S . 28.31 -8.05 -4.16
C22 AKN S . 27.15 -7.07 -4.05
O23 AKN S . 27.55 -5.73 -3.81
C24 AKN S . 26.26 -7.53 -2.92
N25 AKN S . 25.25 -6.51 -2.62
C26 AKN S . 25.67 -8.83 -3.45
O27 AKN S . 24.69 -9.30 -2.55
C28 AKN S . 26.82 -9.82 -3.54
O29 AKN S . 27.82 -9.34 -4.47
C30 AKN S . 26.37 -11.18 -4.03
O31 AKN S . 27.48 -11.92 -4.48
O32 AKN S . 34.94 -11.75 -4.22
O33 AKN S . 37.25 -10.70 -5.43
N37 AKN S . 28.68 -3.59 -5.50
C35 AKN S . 29.35 -5.00 -1.71
O36 AKN S . 28.17 -4.65 -1.52
C37 AKN S . 30.22 -4.08 -2.68
C38 AKN S . 30.36 -4.67 -4.09
C39 AKN S . 30.09 -3.64 -5.17
O40 AKN S . 31.50 -3.71 -2.12
MG MG T . 25.38 -2.72 -0.05
MG MG U . 22.51 -5.32 -0.39
#